data_5JHG
#
_entry.id   5JHG
#
_cell.length_a   87.440
_cell.length_b   118.589
_cell.length_c   88.003
_cell.angle_alpha   90.00
_cell.angle_beta   113.00
_cell.angle_gamma   90.00
#
_symmetry.space_group_name_H-M   'P 1 21 1'
#
loop_
_entity.id
_entity.type
_entity.pdbx_description
1 polymer 'Rho guanine nucleotide exchange factor 11'
2 polymer 'Transforming protein RhoA'
3 non-polymer GLYCEROL
4 water water
#
loop_
_entity_poly.entity_id
_entity_poly.type
_entity_poly.pdbx_seq_one_letter_code
_entity_poly.pdbx_strand_id
1 'polypeptide(L)'
;MQNWQHTVGKDVVAGLTQREIDRQEVINELFVTEASHLRTLRVLDLIFYQRMKKENLMPREELARLFPNLPELIEIHNSW
CEAMKKLREEGPIIKEISDLMLARFDGPAREELQQVAAQFCSYQSIALELIKTKQRKESRFQLFMQEAESHPQCRRLQLR
DLIISEMQRLTKYPLLLESIIKHTEGGTSEHEKLCRARDQCREILKYVNEAVKQTENRHRLEGYQKRLDATALERASNPL
AAEFKSLDLTTRKMIHEGPLTWRISKDKTLDLHVLLLEDLLVLLQKQDEKLLLKCHSKTAVGSSDSKQTFSPVLKLNAVL
IRSVATDKRAFFIICTSKLGPPQIYELVALTSSDKNTWMELLEEAVRNA
;
A,E
2 'polypeptide(L)'
;MAAIRKKLVIVGDGACGKTCLLIVFSKDQFPEVYVPTVFENYVADIEVDGKQVELALWDTAGQEDYDRLRPLSYPDTDVI
LMCFSIDSPDSLENIPEKWTPEVKHFCPNVPIILVGNKKDLRNDEHTRRELAKMKQEPVKPEEGRDMANRIGAFGYMECS
AKTKDGVREVFEMATRAALQA
;
B,F
#
loop_
_chem_comp.id
_chem_comp.type
_chem_comp.name
_chem_comp.formula
GOL non-polymer GLYCEROL 'C3 H8 O3'
#
# COMPACT_ATOMS: atom_id res chain seq x y z
N GLN A 2 -26.48 55.02 4.16
CA GLN A 2 -25.89 54.97 5.54
C GLN A 2 -26.38 53.81 6.44
N ASN A 3 -27.29 54.11 7.38
CA ASN A 3 -27.42 53.41 8.69
C ASN A 3 -28.80 53.70 9.30
N TRP A 4 -29.51 52.69 9.76
CA TRP A 4 -30.95 52.88 10.11
C TRP A 4 -31.16 53.87 11.28
N GLN A 5 -30.42 53.69 12.35
CA GLN A 5 -30.62 54.53 13.49
C GLN A 5 -30.51 55.95 13.05
N HIS A 6 -29.33 56.30 12.58
CA HIS A 6 -29.06 57.68 12.25
C HIS A 6 -29.76 58.09 10.99
N THR A 7 -30.64 57.26 10.52
CA THR A 7 -31.29 57.57 9.28
C THR A 7 -32.74 57.95 9.25
N VAL A 8 -33.61 56.96 9.08
CA VAL A 8 -34.97 57.00 9.49
C VAL A 8 -34.95 56.26 10.81
N GLY A 9 -36.03 56.38 11.55
CA GLY A 9 -36.01 55.96 12.92
C GLY A 9 -35.23 56.96 13.75
N LYS A 10 -35.05 58.18 13.27
CA LYS A 10 -34.20 59.06 14.04
C LYS A 10 -34.97 59.49 15.31
N ASP A 11 -36.25 59.81 15.15
CA ASP A 11 -37.07 60.27 16.28
C ASP A 11 -37.56 59.09 17.10
N VAL A 12 -37.74 57.97 16.43
CA VAL A 12 -38.36 56.84 17.05
C VAL A 12 -37.41 55.89 17.74
N VAL A 13 -36.13 56.22 17.72
CA VAL A 13 -35.18 55.24 18.14
C VAL A 13 -35.12 55.02 19.65
N ALA A 14 -35.39 56.05 20.44
CA ALA A 14 -35.05 56.01 21.86
C ALA A 14 -35.93 55.12 22.70
N GLY A 15 -37.16 54.91 22.25
CA GLY A 15 -38.09 54.12 23.00
C GLY A 15 -37.98 52.66 22.68
N LEU A 16 -36.87 52.26 22.10
CA LEU A 16 -36.71 50.88 21.70
C LEU A 16 -35.55 50.21 22.38
N THR A 17 -35.63 48.91 22.46
CA THR A 17 -34.54 48.19 23.05
C THR A 17 -33.41 48.04 22.06
N GLN A 18 -32.28 47.63 22.57
CA GLN A 18 -31.09 47.47 21.73
C GLN A 18 -31.28 46.31 20.75
N ARG A 19 -31.89 45.25 21.21
CA ARG A 19 -32.21 44.11 20.39
C ARG A 19 -33.17 44.47 19.30
N GLU A 20 -34.01 45.44 19.52
CA GLU A 20 -34.92 45.83 18.51
C GLU A 20 -34.31 46.87 17.59
N ILE A 21 -33.29 47.56 18.07
CA ILE A 21 -32.55 48.45 17.24
C ILE A 21 -31.73 47.59 16.25
N ASP A 22 -30.94 46.65 16.76
CA ASP A 22 -30.15 45.75 15.97
C ASP A 22 -31.07 45.10 14.90
N ARG A 23 -32.17 44.55 15.35
CA ARG A 23 -33.12 43.93 14.48
C ARG A 23 -33.56 44.81 13.33
N GLN A 24 -33.78 46.07 13.57
CA GLN A 24 -34.17 46.96 12.48
C GLN A 24 -33.02 47.36 11.56
N GLU A 25 -31.79 47.28 12.06
CA GLU A 25 -30.63 47.53 11.23
C GLU A 25 -30.49 46.38 10.21
N VAL A 26 -30.66 45.14 10.65
CA VAL A 26 -30.45 43.99 9.77
C VAL A 26 -31.52 44.01 8.67
N ILE A 27 -32.74 44.31 9.06
CA ILE A 27 -33.79 44.44 8.12
C ILE A 27 -33.47 45.52 7.12
N ASN A 28 -32.97 46.60 7.64
CA ASN A 28 -32.76 47.75 6.83
C ASN A 28 -31.72 47.35 5.81
N GLU A 29 -30.69 46.62 6.25
CA GLU A 29 -29.63 46.12 5.37
C GLU A 29 -30.14 45.16 4.30
N LEU A 30 -30.96 44.20 4.69
CA LEU A 30 -31.65 43.38 3.68
C LEU A 30 -32.35 44.22 2.64
N PHE A 31 -33.12 45.19 3.07
CA PHE A 31 -33.96 45.92 2.12
C PHE A 31 -33.13 46.79 1.21
N VAL A 32 -32.12 47.47 1.75
CA VAL A 32 -31.31 48.37 0.98
C VAL A 32 -30.42 47.58 0.00
N THR A 33 -29.92 46.42 0.40
CA THR A 33 -29.08 45.64 -0.47
C THR A 33 -29.91 44.95 -1.54
N GLU A 34 -31.18 44.72 -1.28
CA GLU A 34 -32.07 44.14 -2.32
C GLU A 34 -32.27 45.14 -3.42
N ALA A 35 -32.51 46.39 -3.04
CA ALA A 35 -32.66 47.49 -4.02
C ALA A 35 -31.35 47.64 -4.80
N SER A 36 -30.27 47.55 -4.07
CA SER A 36 -28.98 47.71 -4.70
C SER A 36 -28.76 46.53 -5.72
N HIS A 37 -29.11 45.30 -5.35
CA HIS A 37 -29.07 44.17 -6.27
C HIS A 37 -29.89 44.39 -7.49
N LEU A 38 -31.09 44.87 -7.29
CA LEU A 38 -31.97 45.13 -8.41
C LEU A 38 -31.40 46.10 -9.40
N ARG A 39 -30.77 47.15 -8.89
CA ARG A 39 -30.09 48.13 -9.65
C ARG A 39 -28.90 47.54 -10.48
N THR A 40 -28.23 46.56 -9.91
CA THR A 40 -27.17 45.89 -10.56
C THR A 40 -27.71 45.05 -11.70
N LEU A 41 -28.85 44.41 -11.52
CA LEU A 41 -29.39 43.63 -12.59
C LEU A 41 -29.79 44.48 -13.75
N ARG A 42 -30.09 45.70 -13.45
CA ARG A 42 -30.56 46.66 -14.40
C ARG A 42 -29.44 47.31 -15.12
N VAL A 43 -28.26 47.34 -14.53
CA VAL A 43 -27.09 47.73 -15.28
C VAL A 43 -26.76 46.60 -16.26
N LEU A 44 -26.71 45.32 -15.81
CA LEU A 44 -26.58 44.23 -16.75
C LEU A 44 -27.54 44.41 -17.90
N ASP A 45 -28.79 44.68 -17.64
CA ASP A 45 -29.78 44.78 -18.69
C ASP A 45 -29.50 45.86 -19.71
N LEU A 46 -29.22 47.04 -19.22
CA LEU A 46 -29.18 48.22 -20.03
C LEU A 46 -27.89 48.50 -20.70
N ILE A 47 -26.81 48.36 -19.94
CA ILE A 47 -25.51 48.58 -20.45
C ILE A 47 -24.99 47.45 -21.28
N PHE A 48 -25.42 46.23 -21.01
CA PHE A 48 -24.85 45.08 -21.73
C PHE A 48 -25.86 44.34 -22.53
N TYR A 49 -26.84 43.74 -21.88
CA TYR A 49 -27.73 42.82 -22.62
C TYR A 49 -28.51 43.48 -23.74
N GLN A 50 -29.28 44.53 -23.46
CA GLN A 50 -30.11 45.21 -24.53
C GLN A 50 -29.25 45.76 -25.68
N ARG A 51 -28.09 46.30 -25.35
CA ARG A 51 -27.17 46.68 -26.39
C ARG A 51 -26.57 45.52 -27.16
N MET A 52 -26.22 44.42 -26.53
CA MET A 52 -25.67 43.29 -27.28
C MET A 52 -26.64 42.76 -28.30
N LYS A 53 -27.90 42.82 -27.90
CA LYS A 53 -28.94 42.30 -28.72
C LYS A 53 -29.18 43.17 -29.92
N LYS A 54 -29.38 44.44 -29.65
CA LYS A 54 -29.86 45.35 -30.65
C LYS A 54 -28.79 45.75 -31.66
N GLU A 55 -27.54 45.80 -31.24
CA GLU A 55 -26.42 45.97 -32.15
C GLU A 55 -25.80 44.66 -32.72
N ASN A 56 -26.32 43.50 -32.36
CA ASN A 56 -25.80 42.20 -32.83
C ASN A 56 -24.35 41.99 -32.59
N LEU A 57 -23.92 42.15 -31.34
CA LEU A 57 -22.52 41.86 -31.01
C LEU A 57 -22.16 40.39 -31.09
N MET A 58 -23.15 39.55 -30.98
CA MET A 58 -22.88 38.18 -31.13
C MET A 58 -24.16 37.49 -31.63
N PRO A 59 -24.05 36.25 -32.10
CA PRO A 59 -25.27 35.58 -32.42
C PRO A 59 -26.24 35.49 -31.23
N ARG A 60 -27.51 35.49 -31.56
CA ARG A 60 -28.63 35.24 -30.71
C ARG A 60 -28.48 34.05 -29.78
N GLU A 61 -27.97 32.97 -30.29
CA GLU A 61 -27.81 31.73 -29.55
C GLU A 61 -26.69 31.81 -28.55
N GLU A 62 -25.64 32.58 -28.83
CA GLU A 62 -24.60 32.78 -27.80
C GLU A 62 -25.18 33.69 -26.73
N LEU A 63 -25.88 34.71 -27.14
CA LEU A 63 -26.35 35.71 -26.21
C LEU A 63 -27.33 35.11 -25.21
N ALA A 64 -28.26 34.30 -25.71
CA ALA A 64 -29.21 33.55 -24.89
C ALA A 64 -28.54 32.63 -23.89
N ARG A 65 -27.36 32.10 -24.19
CA ARG A 65 -26.66 31.36 -23.16
C ARG A 65 -26.03 32.25 -22.08
N LEU A 66 -25.77 33.51 -22.36
CA LEU A 66 -25.14 34.37 -21.37
C LEU A 66 -26.18 35.10 -20.52
N PHE A 67 -27.26 35.46 -21.13
CA PHE A 67 -28.37 36.02 -20.43
C PHE A 67 -29.60 35.16 -20.74
N PRO A 68 -29.70 33.97 -20.15
CA PRO A 68 -30.85 33.14 -20.57
C PRO A 68 -32.18 33.82 -20.30
N ASN A 69 -32.31 34.50 -19.17
CA ASN A 69 -33.62 34.84 -18.63
C ASN A 69 -33.52 36.06 -17.74
N LEU A 70 -32.73 37.03 -18.14
CA LEU A 70 -32.59 38.26 -17.38
C LEU A 70 -33.87 39.01 -16.98
N PRO A 71 -34.82 39.26 -17.92
CA PRO A 71 -36.12 39.87 -17.56
C PRO A 71 -36.90 39.19 -16.46
N GLU A 72 -36.91 37.86 -16.50
CA GLU A 72 -37.55 37.06 -15.45
C GLU A 72 -36.84 37.19 -14.11
N LEU A 73 -35.51 37.20 -14.16
CA LEU A 73 -34.70 37.32 -12.98
C LEU A 73 -34.97 38.65 -12.34
N ILE A 74 -34.98 39.71 -13.15
CA ILE A 74 -35.26 41.06 -12.71
C ILE A 74 -36.60 41.14 -11.94
N GLU A 75 -37.65 40.61 -12.54
CA GLU A 75 -38.99 40.65 -12.00
C GLU A 75 -39.13 39.80 -10.70
N ILE A 76 -38.36 38.76 -10.58
CA ILE A 76 -38.30 38.06 -9.30
C ILE A 76 -37.90 39.01 -8.19
N HIS A 77 -36.86 39.78 -8.44
CA HIS A 77 -36.29 40.60 -7.40
C HIS A 77 -37.03 41.89 -7.32
N ASN A 78 -37.53 42.38 -8.45
CA ASN A 78 -38.36 43.58 -8.45
C ASN A 78 -39.66 43.38 -7.71
N SER A 79 -40.36 42.29 -7.98
CA SER A 79 -41.62 42.04 -7.27
C SER A 79 -41.43 42.05 -5.75
N TRP A 80 -40.39 41.36 -5.30
CA TRP A 80 -40.16 41.25 -3.89
C TRP A 80 -39.76 42.64 -3.29
N CYS A 81 -38.92 43.34 -4.00
CA CYS A 81 -38.63 44.73 -3.66
C CYS A 81 -39.87 45.66 -3.51
N GLU A 82 -40.85 45.46 -4.35
CA GLU A 82 -42.05 46.25 -4.23
C GLU A 82 -42.79 45.83 -3.01
N ALA A 83 -42.87 44.53 -2.78
CA ALA A 83 -43.56 44.10 -1.54
C ALA A 83 -42.83 44.67 -0.33
N MET A 84 -41.49 44.76 -0.41
CA MET A 84 -40.71 45.31 0.68
C MET A 84 -41.14 46.74 0.90
N LYS A 85 -41.23 47.49 -0.17
CA LYS A 85 -41.59 48.89 -0.08
C LYS A 85 -43.02 49.08 0.52
N LYS A 86 -43.99 48.26 0.08
CA LYS A 86 -45.34 48.24 0.70
C LYS A 86 -45.22 48.17 2.20
N LEU A 87 -44.43 47.23 2.68
CA LEU A 87 -44.18 47.08 4.12
C LEU A 87 -43.59 48.31 4.80
N ARG A 88 -42.49 48.83 4.25
CA ARG A 88 -41.80 50.00 4.79
C ARG A 88 -42.76 51.16 4.92
N GLU A 89 -43.88 51.06 4.21
CA GLU A 89 -44.86 52.12 4.09
C GLU A 89 -45.69 52.25 5.32
N GLU A 90 -45.96 51.14 5.97
CA GLU A 90 -46.77 51.15 7.15
C GLU A 90 -46.00 51.64 8.39
N GLY A 91 -45.02 52.52 8.20
CA GLY A 91 -44.18 52.99 9.31
C GLY A 91 -42.73 52.50 9.27
N PRO A 92 -41.76 53.36 9.66
CA PRO A 92 -40.33 53.05 9.58
C PRO A 92 -39.78 51.95 10.51
N ILE A 93 -40.59 51.53 11.47
CA ILE A 93 -40.24 50.40 12.31
C ILE A 93 -40.99 49.21 11.74
N ILE A 94 -40.21 48.28 11.24
CA ILE A 94 -40.77 47.15 10.60
C ILE A 94 -40.91 46.17 11.70
N LYS A 95 -41.97 45.43 11.56
CA LYS A 95 -42.56 44.55 12.48
C LYS A 95 -42.34 43.16 12.01
N GLU A 96 -43.47 42.34 12.03
CA GLU A 96 -43.26 41.04 11.53
C GLU A 96 -42.86 41.10 10.08
N ILE A 97 -41.88 40.26 9.78
CA ILE A 97 -41.34 40.19 8.47
C ILE A 97 -41.37 38.82 7.86
N SER A 98 -41.72 37.82 8.64
CA SER A 98 -41.58 36.46 8.20
C SER A 98 -42.41 36.11 6.99
N ASP A 99 -43.59 36.66 6.87
CA ASP A 99 -44.46 36.34 5.79
C ASP A 99 -43.89 36.83 4.47
N LEU A 100 -43.14 37.90 4.51
CA LEU A 100 -42.57 38.46 3.34
C LEU A 100 -41.40 37.62 2.93
N MET A 101 -40.70 37.06 3.90
CA MET A 101 -39.63 36.17 3.61
C MET A 101 -40.18 34.92 3.03
N LEU A 102 -41.21 34.33 3.63
CA LEU A 102 -41.78 33.09 3.08
C LEU A 102 -42.38 33.29 1.69
N ALA A 103 -42.80 34.51 1.40
CA ALA A 103 -43.41 34.77 0.16
C ALA A 103 -42.34 34.75 -1.02
N ARG A 104 -41.07 34.90 -0.69
CA ARG A 104 -40.01 34.74 -1.63
C ARG A 104 -39.32 33.40 -1.58
N PHE A 105 -39.18 32.81 -0.41
CA PHE A 105 -38.29 31.66 -0.24
C PHE A 105 -38.98 30.36 0.15
N ASP A 106 -40.29 30.28 0.20
CA ASP A 106 -40.96 29.06 0.56
C ASP A 106 -42.00 28.67 -0.47
N GLY A 107 -42.25 27.36 -0.62
CA GLY A 107 -43.36 26.87 -1.40
C GLY A 107 -43.14 27.15 -2.86
N PRO A 108 -44.20 27.49 -3.55
CA PRO A 108 -44.04 27.80 -4.98
C PRO A 108 -43.00 28.88 -5.23
N ALA A 109 -42.83 29.78 -4.29
CA ALA A 109 -41.96 30.86 -4.53
C ALA A 109 -40.48 30.42 -4.52
N ARG A 110 -40.21 29.38 -3.76
CA ARG A 110 -38.91 28.78 -3.69
C ARG A 110 -38.63 28.03 -4.98
N GLU A 111 -39.63 27.33 -5.50
CA GLU A 111 -39.50 26.53 -6.72
C GLU A 111 -39.20 27.44 -7.91
N GLU A 112 -39.98 28.51 -8.03
CA GLU A 112 -39.71 29.53 -9.00
C GLU A 112 -38.26 30.17 -8.90
N LEU A 113 -37.88 30.72 -7.76
CA LEU A 113 -36.56 31.42 -7.59
C LEU A 113 -35.41 30.51 -7.88
N GLN A 114 -35.45 29.31 -7.36
CA GLN A 114 -34.37 28.37 -7.58
C GLN A 114 -34.21 27.96 -9.03
N GLN A 115 -35.29 27.83 -9.75
CA GLN A 115 -35.27 27.48 -11.13
C GLN A 115 -34.76 28.63 -12.00
N VAL A 116 -35.22 29.83 -11.70
CA VAL A 116 -34.83 30.98 -12.46
C VAL A 116 -33.38 31.36 -12.18
N ALA A 117 -32.95 31.26 -10.97
CA ALA A 117 -31.53 31.47 -10.69
C ALA A 117 -30.60 30.39 -11.27
N ALA A 118 -31.02 29.16 -11.17
CA ALA A 118 -30.24 28.05 -11.71
C ALA A 118 -30.04 28.25 -13.15
N GLN A 119 -31.10 28.63 -13.81
CA GLN A 119 -31.02 28.77 -15.24
C GLN A 119 -30.10 29.92 -15.63
N PHE A 120 -30.08 30.96 -14.82
CA PHE A 120 -29.24 32.08 -15.11
C PHE A 120 -27.78 31.83 -14.81
N CYS A 121 -27.49 31.06 -13.76
CA CYS A 121 -26.10 30.85 -13.37
C CYS A 121 -25.45 29.63 -13.93
N SER A 122 -26.19 28.54 -14.14
CA SER A 122 -25.58 27.26 -14.45
C SER A 122 -24.48 27.27 -15.52
N TYR A 123 -24.71 28.00 -16.58
CA TYR A 123 -23.84 27.95 -17.69
C TYR A 123 -22.85 29.09 -17.70
N GLN A 124 -22.83 29.86 -16.63
CA GLN A 124 -22.18 31.15 -16.66
C GLN A 124 -20.69 31.05 -16.86
N SER A 125 -20.03 30.13 -16.18
CA SER A 125 -18.57 30.02 -16.29
C SER A 125 -18.22 29.76 -17.75
N ILE A 126 -19.02 28.99 -18.43
CA ILE A 126 -18.68 28.63 -19.80
C ILE A 126 -18.87 29.78 -20.75
N ALA A 127 -19.94 30.52 -20.57
CA ALA A 127 -20.26 31.68 -21.37
C ALA A 127 -19.24 32.81 -21.05
N LEU A 128 -18.79 32.94 -19.82
CA LEU A 128 -17.71 33.96 -19.62
C LEU A 128 -16.36 33.63 -20.27
N GLU A 129 -15.94 32.38 -20.26
CA GLU A 129 -14.80 32.00 -21.07
C GLU A 129 -15.01 32.38 -22.54
N LEU A 130 -16.18 32.11 -23.05
CA LEU A 130 -16.51 32.44 -24.38
C LEU A 130 -16.36 33.93 -24.61
N ILE A 131 -16.85 34.74 -23.70
CA ILE A 131 -16.76 36.19 -23.79
C ILE A 131 -15.30 36.63 -23.72
N LYS A 132 -14.51 36.06 -22.82
CA LYS A 132 -13.10 36.35 -22.80
C LYS A 132 -12.41 36.01 -24.13
N THR A 133 -12.73 34.85 -24.70
CA THR A 133 -12.12 34.47 -25.97
C THR A 133 -12.43 35.51 -27.08
N LYS A 134 -13.69 35.88 -27.12
CA LYS A 134 -14.24 36.72 -28.16
C LYS A 134 -13.64 38.15 -28.07
N GLN A 135 -13.35 38.59 -26.89
CA GLN A 135 -12.67 39.85 -26.70
C GLN A 135 -11.27 39.79 -27.23
N ARG A 136 -10.61 38.67 -27.05
CA ARG A 136 -9.27 38.46 -27.55
C ARG A 136 -9.21 38.42 -29.07
N LYS A 137 -10.26 37.94 -29.72
CA LYS A 137 -10.23 37.59 -31.14
C LYS A 137 -10.99 38.51 -32.06
N GLU A 138 -11.83 39.38 -31.52
CA GLU A 138 -12.73 40.20 -32.35
C GLU A 138 -12.63 41.60 -31.91
N SER A 139 -11.94 42.41 -32.69
CA SER A 139 -11.70 43.81 -32.30
C SER A 139 -12.99 44.61 -32.07
N ARG A 140 -14.06 44.29 -32.75
CA ARG A 140 -15.30 45.07 -32.50
C ARG A 140 -15.91 44.73 -31.11
N PHE A 141 -15.82 43.46 -30.71
CA PHE A 141 -16.42 43.00 -29.52
C PHE A 141 -15.63 43.58 -28.37
N GLN A 142 -14.32 43.57 -28.53
CA GLN A 142 -13.43 44.11 -27.52
C GLN A 142 -13.70 45.58 -27.28
N LEU A 143 -13.75 46.37 -28.36
CA LEU A 143 -14.08 47.81 -28.30
C LEU A 143 -15.45 48.08 -27.66
N PHE A 144 -16.45 47.31 -28.01
CA PHE A 144 -17.75 47.41 -27.36
C PHE A 144 -17.71 47.12 -25.85
N MET A 145 -16.89 46.13 -25.46
CA MET A 145 -16.70 45.81 -24.05
C MET A 145 -15.98 46.93 -23.24
N GLN A 146 -14.92 47.50 -23.80
CA GLN A 146 -14.18 48.52 -23.03
C GLN A 146 -15.10 49.70 -22.82
N GLU A 147 -15.88 49.94 -23.84
CA GLU A 147 -16.75 51.06 -23.88
C GLU A 147 -17.90 50.92 -22.93
N ALA A 148 -18.61 49.81 -23.00
CA ALA A 148 -19.66 49.54 -22.05
C ALA A 148 -19.16 49.54 -20.57
N GLU A 149 -17.98 48.97 -20.33
CA GLU A 149 -17.43 48.87 -18.95
C GLU A 149 -16.91 50.22 -18.45
N SER A 150 -16.71 51.13 -19.36
CA SER A 150 -16.30 52.47 -18.95
C SER A 150 -17.50 53.31 -18.50
N HIS A 151 -18.69 52.83 -18.71
CA HIS A 151 -19.82 53.56 -18.23
C HIS A 151 -19.79 53.67 -16.68
N PRO A 152 -20.20 54.84 -16.12
CA PRO A 152 -20.12 55.11 -14.66
C PRO A 152 -20.89 54.12 -13.78
N GLN A 153 -22.10 53.79 -14.17
CA GLN A 153 -22.83 52.71 -13.56
C GLN A 153 -22.15 51.36 -13.39
N CYS A 154 -21.13 51.05 -14.15
CA CYS A 154 -20.35 49.84 -13.85
C CYS A 154 -19.46 49.95 -12.63
N ARG A 155 -19.30 51.18 -12.14
CA ARG A 155 -18.55 51.44 -10.91
C ARG A 155 -17.20 50.80 -10.99
N ARG A 156 -16.61 50.91 -12.18
CA ARG A 156 -15.34 50.35 -12.46
C ARG A 156 -15.33 48.83 -12.45
N LEU A 157 -16.47 48.19 -12.46
CA LEU A 157 -16.51 46.73 -12.59
C LEU A 157 -16.70 46.28 -14.03
N GLN A 158 -16.13 45.13 -14.32
CA GLN A 158 -16.29 44.46 -15.58
C GLN A 158 -17.55 43.60 -15.59
N LEU A 159 -18.06 43.26 -16.75
CA LEU A 159 -19.36 42.62 -16.85
C LEU A 159 -19.49 41.47 -15.85
N ARG A 160 -18.51 40.72 -15.97
CA ARG A 160 -18.18 39.64 -15.11
C ARG A 160 -17.94 40.00 -13.66
N ASP A 161 -17.48 41.16 -13.31
CA ASP A 161 -17.58 41.33 -11.92
C ASP A 161 -19.06 41.43 -11.53
N LEU A 162 -19.91 41.66 -12.51
CA LEU A 162 -21.24 42.12 -12.27
C LEU A 162 -22.20 41.00 -12.38
N ILE A 163 -21.94 40.10 -13.31
CA ILE A 163 -22.90 39.05 -13.66
C ILE A 163 -23.02 37.93 -12.60
N ILE A 164 -22.00 37.83 -11.78
CA ILE A 164 -21.99 36.89 -10.72
C ILE A 164 -22.82 37.31 -9.54
N SER A 165 -23.42 38.47 -9.61
CA SER A 165 -24.09 39.05 -8.48
C SER A 165 -25.34 38.30 -8.09
N GLU A 166 -26.03 37.65 -9.02
CA GLU A 166 -27.22 36.88 -8.62
C GLU A 166 -26.78 35.80 -7.64
N MET A 167 -25.72 35.07 -7.99
CA MET A 167 -25.18 34.03 -7.14
C MET A 167 -24.75 34.56 -5.82
N GLN A 168 -23.97 35.65 -5.80
CA GLN A 168 -23.49 36.19 -4.54
C GLN A 168 -24.67 36.64 -3.70
N ARG A 169 -25.73 37.12 -4.32
CA ARG A 169 -26.82 37.66 -3.58
C ARG A 169 -27.54 36.58 -2.83
N LEU A 170 -27.72 35.48 -3.51
CA LEU A 170 -28.40 34.35 -2.98
C LEU A 170 -27.67 33.80 -1.79
N THR A 171 -26.36 33.87 -1.79
CA THR A 171 -25.55 33.48 -0.63
C THR A 171 -25.66 34.41 0.54
N LYS A 172 -26.09 35.65 0.31
CA LYS A 172 -26.30 36.52 1.42
C LYS A 172 -27.57 36.29 2.21
N TYR A 173 -28.58 35.67 1.61
CA TYR A 173 -29.87 35.56 2.25
C TYR A 173 -29.90 34.70 3.57
N PRO A 174 -29.33 33.50 3.59
CA PRO A 174 -29.21 32.86 4.90
C PRO A 174 -28.52 33.69 5.95
N LEU A 175 -27.47 34.42 5.58
CA LEU A 175 -26.71 35.21 6.57
C LEU A 175 -27.62 36.34 7.11
N LEU A 176 -28.30 37.01 6.20
CA LEU A 176 -29.21 38.05 6.56
C LEU A 176 -30.33 37.56 7.44
N LEU A 177 -30.90 36.41 7.08
CA LEU A 177 -31.96 35.86 7.88
C LEU A 177 -31.44 35.42 9.28
N GLU A 178 -30.33 34.69 9.31
CA GLU A 178 -29.74 34.23 10.57
C GLU A 178 -29.48 35.37 11.52
N SER A 179 -29.21 36.55 10.96
CA SER A 179 -28.90 37.70 11.75
C SER A 179 -30.20 38.51 12.15
N ILE A 180 -31.28 38.39 11.41
CA ILE A 180 -32.56 38.91 11.84
C ILE A 180 -33.10 38.03 12.98
N ILE A 181 -32.95 36.73 12.81
CA ILE A 181 -33.38 35.74 13.76
C ILE A 181 -32.78 35.94 15.16
N LYS A 182 -31.49 36.26 15.17
CA LYS A 182 -30.69 36.42 16.36
C LYS A 182 -31.28 37.52 17.22
N HIS A 183 -31.84 38.54 16.57
CA HIS A 183 -32.44 39.65 17.25
C HIS A 183 -34.00 39.57 17.25
N THR A 184 -34.56 38.39 17.02
CA THR A 184 -36.01 38.19 17.03
C THR A 184 -36.32 37.41 18.34
N GLU A 185 -37.42 37.77 18.99
CA GLU A 185 -37.87 37.09 20.22
C GLU A 185 -38.19 35.66 19.92
N GLY A 186 -37.51 34.76 20.60
CA GLY A 186 -37.77 33.35 20.46
C GLY A 186 -39.18 32.99 20.94
N GLY A 187 -39.69 31.85 20.46
CA GLY A 187 -41.00 31.36 20.87
C GLY A 187 -42.17 32.02 20.14
N THR A 188 -41.84 32.95 19.27
CA THR A 188 -42.79 33.57 18.32
C THR A 188 -43.00 32.72 17.03
N SER A 189 -44.17 32.85 16.43
CA SER A 189 -44.44 32.30 15.09
C SER A 189 -43.43 32.93 14.11
N GLU A 190 -43.31 34.23 14.21
CA GLU A 190 -42.30 35.03 13.58
C GLU A 190 -40.89 34.41 13.60
N HIS A 191 -40.42 33.96 14.74
CA HIS A 191 -39.09 33.37 14.84
C HIS A 191 -39.01 32.01 14.11
N GLU A 192 -40.05 31.19 14.31
CA GLU A 192 -40.13 29.87 13.75
C GLU A 192 -40.11 29.96 12.21
N LYS A 193 -40.81 30.97 11.71
CA LYS A 193 -41.00 31.17 10.29
C LYS A 193 -39.76 31.76 9.63
N LEU A 194 -39.04 32.65 10.31
CA LEU A 194 -37.78 33.03 9.79
C LEU A 194 -36.84 31.82 9.69
N CYS A 195 -36.85 30.94 10.69
CA CYS A 195 -35.98 29.75 10.64
C CYS A 195 -36.27 28.86 9.47
N ARG A 196 -37.55 28.84 9.13
CA ARG A 196 -38.01 28.08 8.02
C ARG A 196 -37.47 28.73 6.74
N ALA A 197 -37.55 30.04 6.71
CA ALA A 197 -37.18 30.76 5.51
C ALA A 197 -35.67 30.59 5.31
N ARG A 198 -34.92 30.73 6.39
CA ARG A 198 -33.49 30.49 6.34
C ARG A 198 -33.17 29.08 5.85
N ASP A 199 -33.88 28.08 6.32
CA ASP A 199 -33.63 26.69 5.87
C ASP A 199 -33.92 26.48 4.37
N GLN A 200 -34.97 27.14 3.91
CA GLN A 200 -35.33 27.11 2.51
C GLN A 200 -34.35 27.84 1.57
N CYS A 201 -33.82 28.98 2.02
CA CYS A 201 -32.69 29.65 1.33
C CYS A 201 -31.47 28.79 1.11
N ARG A 202 -31.11 28.06 2.14
CA ARG A 202 -30.01 27.08 2.01
C ARG A 202 -30.32 25.98 0.99
N GLU A 203 -31.54 25.52 1.01
CA GLU A 203 -31.94 24.51 0.05
C GLU A 203 -31.87 24.98 -1.43
N ILE A 204 -32.33 26.19 -1.65
CA ILE A 204 -32.25 26.88 -2.88
C ILE A 204 -30.78 27.02 -3.36
N LEU A 205 -29.90 27.35 -2.44
CA LEU A 205 -28.49 27.39 -2.75
C LEU A 205 -28.01 26.06 -3.11
N LYS A 206 -28.49 25.04 -2.41
CA LYS A 206 -28.11 23.62 -2.71
C LYS A 206 -28.46 23.28 -4.15
N TYR A 207 -29.65 23.72 -4.56
CA TYR A 207 -30.19 23.45 -5.89
C TYR A 207 -29.38 24.17 -6.94
N VAL A 208 -29.11 25.45 -6.74
CA VAL A 208 -28.26 26.20 -7.68
C VAL A 208 -26.84 25.61 -7.76
N ASN A 209 -26.33 25.13 -6.64
CA ASN A 209 -25.02 24.46 -6.60
C ASN A 209 -25.03 23.28 -7.56
N GLU A 210 -26.06 22.47 -7.39
CA GLU A 210 -26.22 21.25 -8.14
C GLU A 210 -26.39 21.60 -9.60
N ALA A 211 -27.21 22.61 -9.88
CA ALA A 211 -27.36 22.96 -11.34
C ALA A 211 -26.02 23.35 -12.02
N VAL A 212 -25.18 24.12 -11.31
CA VAL A 212 -23.93 24.62 -11.88
C VAL A 212 -23.10 23.38 -12.11
N LYS A 213 -22.98 22.58 -11.05
CA LYS A 213 -22.20 21.33 -11.09
C LYS A 213 -22.51 20.52 -12.31
N GLN A 214 -23.81 20.22 -12.48
CA GLN A 214 -24.24 19.32 -13.53
C GLN A 214 -24.02 19.93 -14.84
N THR A 215 -24.31 21.21 -14.98
CA THR A 215 -24.10 21.87 -16.29
C THR A 215 -22.61 21.95 -16.64
N GLU A 216 -21.75 22.31 -15.69
CA GLU A 216 -20.33 22.37 -15.99
C GLU A 216 -19.79 20.95 -16.29
N ASN A 217 -20.27 19.97 -15.55
CA ASN A 217 -19.71 18.65 -15.67
C ASN A 217 -20.07 18.07 -17.02
N ARG A 218 -21.28 18.32 -17.51
CA ARG A 218 -21.65 17.79 -18.80
C ARG A 218 -20.83 18.40 -19.91
N HIS A 219 -20.70 19.71 -19.87
CA HIS A 219 -19.88 20.36 -20.90
C HIS A 219 -18.44 19.84 -20.89
N ARG A 220 -17.91 19.60 -19.71
CA ARG A 220 -16.53 19.17 -19.55
C ARG A 220 -16.38 17.74 -20.13
N LEU A 221 -17.31 16.87 -19.78
CA LEU A 221 -17.28 15.49 -20.25
C LEU A 221 -17.41 15.40 -21.74
N GLU A 222 -18.31 16.20 -22.32
CA GLU A 222 -18.36 16.40 -23.79
C GLU A 222 -17.02 16.76 -24.38
N GLY A 223 -16.28 17.63 -23.71
CA GLY A 223 -14.92 18.01 -24.14
C GLY A 223 -13.97 16.81 -24.05
N TYR A 224 -13.99 16.13 -22.89
CA TYR A 224 -13.18 14.94 -22.67
C TYR A 224 -13.49 13.82 -23.69
N GLN A 225 -14.74 13.62 -24.05
CA GLN A 225 -15.09 12.59 -25.00
C GLN A 225 -14.35 12.76 -26.34
N LYS A 226 -14.32 13.98 -26.85
CA LYS A 226 -13.64 14.29 -28.10
C LYS A 226 -12.12 14.10 -28.05
N ARG A 227 -11.55 14.20 -26.87
CA ARG A 227 -10.12 13.94 -26.68
C ARG A 227 -9.82 12.47 -26.24
N LEU A 228 -10.84 11.63 -26.30
CA LEU A 228 -10.75 10.30 -25.75
C LEU A 228 -10.25 9.32 -26.78
N ASP A 229 -9.06 8.78 -26.53
CA ASP A 229 -8.53 7.68 -27.35
C ASP A 229 -8.70 6.37 -26.59
N ALA A 230 -9.73 5.64 -26.99
CA ALA A 230 -9.92 4.23 -26.57
C ALA A 230 -9.62 3.26 -27.75
N THR A 231 -8.54 3.57 -28.47
CA THR A 231 -7.98 2.77 -29.58
C THR A 231 -7.15 1.56 -29.25
N ALA A 232 -6.42 1.63 -28.15
CA ALA A 232 -5.71 0.50 -27.62
C ALA A 232 -6.67 -0.28 -26.78
N LEU A 233 -7.86 -0.53 -27.29
CA LEU A 233 -8.85 -1.28 -26.53
C LEU A 233 -9.73 -2.18 -27.37
N GLU A 234 -9.97 -1.81 -28.62
CA GLU A 234 -10.75 -2.63 -29.50
C GLU A 234 -10.13 -4.02 -29.57
N ARG A 235 -8.85 -4.11 -29.22
CA ARG A 235 -8.17 -5.41 -29.08
C ARG A 235 -7.15 -5.32 -27.95
N ALA A 236 -7.62 -5.71 -26.79
CA ALA A 236 -6.96 -5.43 -25.59
C ALA A 236 -6.28 -6.72 -25.38
N SER A 237 -5.77 -6.93 -24.17
CA SER A 237 -5.21 -8.20 -23.79
C SER A 237 -5.83 -8.77 -22.51
N ASN A 238 -6.81 -8.09 -21.95
CA ASN A 238 -7.51 -8.58 -20.78
C ASN A 238 -9.00 -8.27 -20.90
N PRO A 239 -9.82 -9.31 -21.03
CA PRO A 239 -11.24 -9.08 -21.28
C PRO A 239 -11.85 -8.20 -20.21
N LEU A 240 -11.15 -7.99 -19.10
CA LEU A 240 -11.61 -7.02 -18.07
C LEU A 240 -11.94 -5.62 -18.66
N ALA A 241 -11.12 -5.19 -19.61
CA ALA A 241 -11.14 -3.85 -20.25
C ALA A 241 -11.80 -3.73 -21.64
N ALA A 242 -12.19 -4.85 -22.23
CA ALA A 242 -12.61 -4.85 -23.64
C ALA A 242 -14.00 -4.25 -23.86
N GLU A 243 -14.91 -4.46 -22.89
CA GLU A 243 -16.29 -3.92 -22.99
C GLU A 243 -16.34 -2.36 -23.05
N PHE A 244 -15.32 -1.72 -22.50
CA PHE A 244 -15.21 -0.27 -22.50
C PHE A 244 -14.47 0.28 -23.71
N LYS A 245 -14.68 -0.34 -24.84
CA LYS A 245 -14.01 0.07 -26.06
C LYS A 245 -14.84 1.06 -26.82
N SER A 246 -16.03 1.32 -26.31
CA SER A 246 -16.95 2.23 -26.93
C SER A 246 -17.53 3.06 -25.81
N LEU A 247 -16.67 3.43 -24.89
CA LEU A 247 -17.06 4.03 -23.65
C LEU A 247 -17.39 5.44 -23.95
N ASP A 248 -18.57 5.85 -23.53
CA ASP A 248 -19.01 7.20 -23.71
C ASP A 248 -19.14 7.85 -22.38
N LEU A 249 -18.30 8.83 -22.10
CA LEU A 249 -18.37 9.54 -20.83
C LEU A 249 -19.63 10.43 -20.74
N THR A 250 -20.18 10.76 -21.91
CA THR A 250 -21.38 11.61 -22.03
C THR A 250 -22.67 10.98 -21.44
N THR A 251 -22.60 9.73 -21.05
CA THR A 251 -23.76 9.10 -20.52
C THR A 251 -23.69 8.88 -19.02
N ARG A 252 -22.62 9.31 -18.39
CA ARG A 252 -22.49 9.10 -16.96
C ARG A 252 -22.33 10.40 -16.28
N LYS A 253 -22.78 10.45 -15.05
CA LYS A 253 -22.52 11.62 -14.25
C LYS A 253 -21.16 11.49 -13.56
N MET A 254 -20.47 12.62 -13.42
CA MET A 254 -19.13 12.72 -12.87
C MET A 254 -19.27 13.28 -11.47
N ILE A 255 -18.54 12.70 -10.53
CA ILE A 255 -18.54 13.07 -9.15
C ILE A 255 -17.30 13.88 -8.79
N HIS A 256 -16.15 13.38 -9.24
CA HIS A 256 -14.91 14.10 -8.94
C HIS A 256 -13.95 13.77 -10.04
N GLU A 257 -12.87 14.56 -10.16
CA GLU A 257 -11.90 14.35 -11.17
C GLU A 257 -10.62 14.95 -10.73
N GLY A 258 -9.50 14.45 -11.19
CA GLY A 258 -8.26 15.00 -10.60
C GLY A 258 -7.05 14.25 -11.00
N PRO A 259 -5.91 14.89 -10.82
CA PRO A 259 -4.68 14.22 -11.27
C PRO A 259 -4.28 13.20 -10.18
N LEU A 260 -3.74 12.06 -10.59
CA LEU A 260 -3.27 11.02 -9.68
C LEU A 260 -2.03 10.29 -10.19
N THR A 261 -1.03 10.11 -9.34
CA THR A 261 0.16 9.34 -9.72
C THR A 261 -0.05 7.87 -9.33
N TRP A 262 0.18 7.01 -10.30
CA TRP A 262 -0.03 5.58 -10.17
C TRP A 262 1.25 4.71 -9.91
N ARG A 263 1.57 4.42 -8.66
CA ARG A 263 2.67 3.52 -8.37
C ARG A 263 2.29 2.16 -8.95
N ILE A 264 2.50 1.93 -10.22
CA ILE A 264 2.12 0.68 -10.82
C ILE A 264 3.05 -0.51 -10.50
N SER A 265 4.26 -0.23 -10.05
CA SER A 265 5.24 -1.25 -9.85
C SER A 265 6.32 -0.69 -8.98
N LYS A 266 7.51 -1.24 -9.04
CA LYS A 266 8.57 -0.76 -8.20
C LYS A 266 9.41 0.40 -8.59
N ASP A 267 9.24 1.49 -7.86
CA ASP A 267 9.72 2.82 -8.25
C ASP A 267 9.63 3.15 -9.72
N LYS A 268 8.59 2.63 -10.35
CA LYS A 268 8.06 3.12 -11.58
C LYS A 268 6.79 3.79 -11.11
N THR A 269 6.44 4.85 -11.80
CA THR A 269 5.20 5.58 -11.63
C THR A 269 4.57 5.92 -12.99
N LEU A 270 3.30 6.32 -12.99
CA LEU A 270 2.57 6.71 -14.22
C LEU A 270 1.51 7.82 -13.99
N ASP A 271 1.81 9.07 -14.37
CA ASP A 271 0.95 10.24 -14.10
C ASP A 271 -0.36 10.11 -14.84
N LEU A 272 -1.47 10.20 -14.10
CA LEU A 272 -2.80 10.11 -14.69
C LEU A 272 -3.61 11.38 -14.46
N HIS A 273 -4.72 11.43 -15.18
CA HIS A 273 -5.88 12.22 -14.77
C HIS A 273 -7.11 11.31 -14.68
N VAL A 274 -7.74 11.24 -13.52
CA VAL A 274 -8.81 10.27 -13.34
C VAL A 274 -10.19 10.87 -13.04
N LEU A 275 -11.19 10.21 -13.58
CA LEU A 275 -12.54 10.57 -13.42
C LEU A 275 -13.30 9.63 -12.51
N LEU A 276 -13.83 10.14 -11.41
CA LEU A 276 -14.76 9.40 -10.64
C LEU A 276 -16.15 9.67 -11.16
N LEU A 277 -16.66 8.73 -11.91
CA LEU A 277 -18.01 8.75 -12.40
C LEU A 277 -18.94 7.97 -11.47
N GLU A 278 -20.14 7.69 -11.91
CA GLU A 278 -21.11 7.15 -10.99
C GLU A 278 -20.90 5.67 -10.85
N ASP A 279 -20.72 5.01 -11.97
CA ASP A 279 -20.54 3.57 -11.94
C ASP A 279 -19.07 3.17 -12.03
N LEU A 280 -18.20 4.11 -12.39
CA LEU A 280 -16.86 3.78 -12.92
C LEU A 280 -15.76 4.66 -12.38
N LEU A 281 -14.58 4.10 -12.30
CA LEU A 281 -13.40 4.87 -12.10
C LEU A 281 -12.65 4.70 -13.41
N VAL A 282 -12.30 5.82 -14.06
CA VAL A 282 -11.61 5.78 -15.32
C VAL A 282 -10.25 6.41 -15.13
N LEU A 283 -9.25 5.66 -15.58
CA LEU A 283 -7.87 6.06 -15.43
C LEU A 283 -7.55 6.49 -16.81
N LEU A 284 -6.91 7.63 -16.99
CA LEU A 284 -6.70 8.15 -18.31
C LEU A 284 -5.34 8.65 -18.39
N GLN A 285 -4.71 8.46 -19.53
CA GLN A 285 -3.39 9.00 -19.71
C GLN A 285 -3.38 10.18 -20.66
N LYS A 286 -2.64 11.18 -20.30
CA LYS A 286 -2.66 12.45 -20.97
C LYS A 286 -1.66 12.59 -22.11
N GLN A 287 -1.98 12.05 -23.27
CA GLN A 287 -1.12 12.20 -24.43
C GLN A 287 -1.31 13.57 -25.04
N ASP A 288 -0.44 14.52 -24.74
CA ASP A 288 -0.55 15.82 -25.38
C ASP A 288 -1.92 16.37 -24.94
N GLU A 289 -2.82 16.53 -25.90
CA GLU A 289 -4.17 16.95 -25.67
C GLU A 289 -5.11 15.81 -25.96
N LYS A 290 -4.65 14.60 -25.73
CA LYS A 290 -5.45 13.45 -25.95
C LYS A 290 -5.55 12.75 -24.66
N LEU A 291 -6.56 11.94 -24.52
CA LEU A 291 -6.76 11.25 -23.28
C LEU A 291 -6.86 9.84 -23.63
N LEU A 292 -5.89 9.09 -23.15
CA LEU A 292 -5.81 7.66 -23.50
C LEU A 292 -6.37 6.75 -22.44
N LEU A 293 -7.29 5.95 -22.94
CA LEU A 293 -7.87 4.80 -22.32
C LEU A 293 -7.29 3.62 -23.05
N LYS A 294 -6.22 3.19 -22.46
CA LYS A 294 -5.22 2.14 -22.84
C LYS A 294 -5.20 0.97 -21.70
N CYS A 295 -4.64 -0.25 -21.88
CA CYS A 295 -4.37 -1.20 -20.72
C CYS A 295 -2.95 -1.15 -20.10
N HIS A 296 -2.67 -1.73 -18.92
CA HIS A 296 -1.35 -1.58 -18.36
C HIS A 296 -0.77 -0.18 -18.67
N THR A 309 -1.81 -7.73 -17.61
CA THR A 309 -1.90 -6.25 -17.45
C THR A 309 -3.19 -5.70 -16.82
N PHE A 310 -3.04 -4.49 -16.27
CA PHE A 310 -4.12 -3.82 -15.54
C PHE A 310 -5.20 -3.21 -16.42
N SER A 311 -6.45 -3.26 -15.98
CA SER A 311 -7.49 -2.57 -16.77
C SER A 311 -7.57 -1.09 -16.42
N PRO A 312 -7.96 -0.20 -17.38
CA PRO A 312 -7.93 1.21 -17.03
C PRO A 312 -9.29 1.72 -16.57
N VAL A 313 -10.24 0.80 -16.48
CA VAL A 313 -11.58 1.14 -16.07
C VAL A 313 -12.10 0.16 -15.04
N LEU A 314 -12.46 0.65 -13.86
CA LEU A 314 -12.96 -0.18 -12.76
C LEU A 314 -14.43 0.06 -12.50
N LYS A 315 -15.19 -1.01 -12.30
CA LYS A 315 -16.56 -0.87 -11.87
C LYS A 315 -16.57 -0.71 -10.36
N LEU A 316 -17.21 0.34 -9.86
CA LEU A 316 -17.13 0.68 -8.42
C LEU A 316 -17.86 -0.30 -7.46
N ASN A 317 -18.86 -0.99 -7.96
CA ASN A 317 -19.50 -2.08 -7.20
C ASN A 317 -18.61 -3.31 -6.99
N ALA A 318 -17.48 -3.38 -7.66
CA ALA A 318 -16.52 -4.46 -7.49
C ALA A 318 -15.17 -3.95 -7.00
N VAL A 319 -15.16 -3.06 -6.00
CA VAL A 319 -13.89 -2.61 -5.44
C VAL A 319 -13.98 -2.29 -3.97
N LEU A 320 -12.83 -2.17 -3.36
CA LEU A 320 -12.72 -1.66 -2.01
C LEU A 320 -11.64 -0.67 -1.99
N ILE A 321 -11.76 0.23 -1.05
CA ILE A 321 -10.91 1.37 -0.96
C ILE A 321 -10.34 1.26 0.39
N ARG A 322 -9.10 1.54 0.49
CA ARG A 322 -8.46 1.39 1.74
C ARG A 322 -7.44 2.48 1.88
N SER A 323 -7.18 2.93 3.11
CA SER A 323 -6.08 3.89 3.40
C SER A 323 -4.64 3.35 3.29
N VAL A 324 -3.62 4.09 3.75
CA VAL A 324 -2.27 3.53 3.70
C VAL A 324 -1.45 3.90 4.92
N ALA A 325 -0.82 2.88 5.47
CA ALA A 325 -0.18 2.99 6.78
C ALA A 325 0.97 4.04 6.88
N THR A 326 1.88 4.03 5.91
CA THR A 326 3.06 4.94 5.88
C THR A 326 2.83 6.26 5.09
N ASP A 327 1.97 6.22 4.06
CA ASP A 327 1.80 7.33 3.07
C ASP A 327 0.47 8.11 3.19
N LYS A 328 0.50 9.26 3.87
CA LYS A 328 -0.67 10.13 4.07
C LYS A 328 -1.27 10.68 2.72
N ARG A 329 -0.65 10.38 1.57
CA ARG A 329 -1.12 10.73 0.18
C ARG A 329 -1.62 9.55 -0.69
N ALA A 330 -1.40 8.33 -0.24
CA ALA A 330 -1.77 7.20 -1.11
C ALA A 330 -2.99 6.48 -0.57
N PHE A 331 -3.66 5.78 -1.48
CA PHE A 331 -4.80 4.98 -1.13
C PHE A 331 -4.88 3.82 -2.11
N PHE A 332 -5.57 2.75 -1.71
CA PHE A 332 -5.58 1.52 -2.51
C PHE A 332 -6.90 1.33 -3.14
N ILE A 333 -6.94 0.76 -4.33
CA ILE A 333 -8.18 0.32 -4.88
C ILE A 333 -8.10 -1.18 -5.19
N ILE A 334 -8.97 -1.96 -4.55
CA ILE A 334 -8.87 -3.40 -4.56
C ILE A 334 -10.00 -4.06 -5.28
N CYS A 335 -9.73 -4.62 -6.45
CA CYS A 335 -10.79 -5.25 -7.21
C CYS A 335 -11.24 -6.58 -6.63
N THR A 336 -12.44 -6.60 -6.10
CA THR A 336 -12.92 -7.78 -5.44
C THR A 336 -13.65 -8.63 -6.45
N SER A 337 -13.77 -8.14 -7.67
CA SER A 337 -14.34 -8.97 -8.72
C SER A 337 -13.41 -10.17 -8.86
N LYS A 338 -13.83 -11.35 -8.39
CA LYS A 338 -12.86 -12.46 -8.21
C LYS A 338 -12.06 -12.80 -9.47
N LEU A 339 -12.64 -12.59 -10.64
CA LEU A 339 -11.84 -12.72 -11.88
C LEU A 339 -10.95 -11.63 -12.41
N GLY A 340 -10.11 -11.00 -11.61
CA GLY A 340 -9.25 -9.94 -12.09
C GLY A 340 -8.03 -9.70 -11.20
N PRO A 341 -7.66 -8.45 -10.99
CA PRO A 341 -6.32 -8.15 -10.50
C PRO A 341 -5.99 -8.57 -9.09
N PRO A 342 -5.21 -9.72 -8.89
CA PRO A 342 -4.72 -9.87 -7.50
C PRO A 342 -3.76 -8.79 -7.12
N GLN A 343 -3.65 -7.84 -8.02
CA GLN A 343 -2.83 -6.71 -7.79
C GLN A 343 -3.80 -5.52 -7.62
N ILE A 344 -3.37 -4.61 -6.80
CA ILE A 344 -4.18 -3.58 -6.29
C ILE A 344 -3.89 -2.42 -7.20
N TYR A 345 -4.48 -1.26 -6.99
CA TYR A 345 -4.06 -0.07 -7.68
C TYR A 345 -3.71 0.86 -6.56
N GLU A 346 -2.49 1.34 -6.54
CA GLU A 346 -2.01 2.22 -5.53
C GLU A 346 -2.05 3.56 -6.23
N LEU A 347 -2.72 4.52 -5.62
CA LEU A 347 -2.81 5.83 -6.22
C LEU A 347 -2.40 6.86 -5.20
N VAL A 348 -1.61 7.83 -5.68
CA VAL A 348 -1.14 8.96 -4.87
C VAL A 348 -1.72 10.29 -5.31
N ALA A 349 -2.26 11.00 -4.35
CA ALA A 349 -2.76 12.32 -4.62
C ALA A 349 -1.69 13.36 -4.35
N LEU A 350 -1.99 14.58 -4.74
CA LEU A 350 -1.12 15.71 -4.56
C LEU A 350 -0.74 15.89 -3.11
N THR A 351 -1.67 15.62 -2.21
CA THR A 351 -1.47 15.96 -0.83
C THR A 351 -2.32 15.08 0.03
N SER A 352 -2.16 15.20 1.34
CA SER A 352 -3.00 14.45 2.24
C SER A 352 -4.50 14.83 2.16
N SER A 353 -4.82 16.12 2.26
CA SER A 353 -6.17 16.65 2.08
C SER A 353 -6.88 16.10 0.89
N ASP A 354 -6.11 15.93 -0.14
CA ASP A 354 -6.54 15.56 -1.43
C ASP A 354 -6.82 14.12 -1.51
N LYS A 355 -6.00 13.39 -0.81
CA LYS A 355 -6.10 11.99 -0.78
C LYS A 355 -7.32 11.70 0.10
N ASN A 356 -7.47 12.48 1.16
CA ASN A 356 -8.65 12.36 1.96
C ASN A 356 -9.92 12.53 1.14
N THR A 357 -10.11 13.72 0.61
CA THR A 357 -11.21 14.04 -0.29
C THR A 357 -11.45 12.89 -1.20
N TRP A 358 -10.42 12.45 -1.87
CA TRP A 358 -10.58 11.41 -2.84
C TRP A 358 -11.14 10.10 -2.22
N MET A 359 -10.61 9.79 -1.04
CA MET A 359 -11.03 8.63 -0.28
C MET A 359 -12.53 8.68 0.02
N GLU A 360 -12.97 9.79 0.60
CA GLU A 360 -14.38 9.94 1.00
C GLU A 360 -15.29 9.81 -0.16
N LEU A 361 -14.98 10.53 -1.22
CA LEU A 361 -15.86 10.45 -2.34
C LEU A 361 -15.92 9.05 -2.89
N LEU A 362 -14.77 8.37 -2.91
CA LEU A 362 -14.73 6.99 -3.41
C LEU A 362 -15.44 6.01 -2.50
N GLU A 363 -15.26 6.14 -1.22
CA GLU A 363 -16.02 5.28 -0.33
C GLU A 363 -17.52 5.51 -0.54
N GLU A 364 -17.94 6.78 -0.63
CA GLU A 364 -19.36 7.10 -0.82
C GLU A 364 -19.87 6.49 -2.11
N ALA A 365 -19.20 6.79 -3.19
CA ALA A 365 -19.65 6.28 -4.48
C ALA A 365 -19.74 4.75 -4.49
N VAL A 366 -18.78 4.12 -3.85
CA VAL A 366 -18.80 2.65 -3.66
C VAL A 366 -20.05 2.16 -2.92
N ARG A 367 -20.34 2.79 -1.80
CA ARG A 367 -21.48 2.45 -1.03
C ARG A 367 -22.73 2.45 -1.88
N ASN A 368 -22.87 3.44 -2.76
CA ASN A 368 -24.05 3.66 -3.63
C ASN A 368 -24.01 3.02 -4.95
N ALA A 369 -22.94 2.29 -5.22
CA ALA A 369 -22.80 1.66 -6.51
C ALA A 369 -23.63 0.37 -6.52
N ALA B 3 -5.17 52.31 -15.97
CA ALA B 3 -4.94 52.04 -14.52
C ALA B 3 -4.37 50.65 -14.41
N ILE B 4 -3.77 50.34 -13.26
CA ILE B 4 -3.43 48.97 -12.96
C ILE B 4 -4.59 48.42 -12.20
N ARG B 5 -5.23 47.44 -12.78
CA ARG B 5 -6.36 46.83 -12.18
C ARG B 5 -5.99 45.42 -11.75
N LYS B 6 -6.27 45.08 -10.50
CA LYS B 6 -6.02 43.76 -9.91
C LYS B 6 -7.20 43.22 -9.18
N LYS B 7 -7.45 41.93 -9.32
CA LYS B 7 -8.53 41.24 -8.67
C LYS B 7 -8.01 40.43 -7.41
N LEU B 8 -8.61 40.74 -6.26
CA LEU B 8 -8.34 40.09 -4.96
C LEU B 8 -9.57 39.37 -4.53
N VAL B 9 -9.43 38.12 -4.13
CA VAL B 9 -10.53 37.36 -3.59
C VAL B 9 -10.11 36.83 -2.21
N ILE B 10 -11.00 36.99 -1.23
CA ILE B 10 -10.72 36.56 0.15
C ILE B 10 -11.47 35.29 0.49
N VAL B 11 -10.74 34.30 1.02
CA VAL B 11 -11.34 32.96 1.28
C VAL B 11 -10.99 32.53 2.70
N GLY B 12 -11.79 31.59 3.20
CA GLY B 12 -11.60 30.96 4.50
C GLY B 12 -12.92 30.63 5.18
N ASP B 13 -12.88 30.03 6.37
CA ASP B 13 -14.10 29.50 6.96
C ASP B 13 -15.05 30.63 7.31
N GLY B 14 -16.34 30.29 7.35
CA GLY B 14 -17.40 31.23 7.78
C GLY B 14 -17.12 31.84 9.15
N ALA B 15 -17.65 33.02 9.41
CA ALA B 15 -17.42 33.60 10.74
C ALA B 15 -15.93 33.88 11.13
N CYS B 16 -14.97 33.65 10.23
CA CYS B 16 -13.58 33.92 10.59
C CYS B 16 -13.24 35.38 10.12
N GLY B 17 -14.24 36.24 10.00
CA GLY B 17 -14.00 37.69 9.87
C GLY B 17 -13.73 38.23 8.48
N LYS B 18 -14.01 37.46 7.40
CA LYS B 18 -13.70 37.90 6.05
C LYS B 18 -14.40 39.22 5.75
N THR B 19 -15.69 39.24 5.96
CA THR B 19 -16.49 40.35 5.52
C THR B 19 -16.14 41.66 6.25
N CYS B 20 -15.95 41.52 7.54
CA CYS B 20 -15.54 42.61 8.42
C CYS B 20 -14.17 43.20 8.00
N LEU B 21 -13.21 42.33 7.78
CA LEU B 21 -11.95 42.71 7.29
C LEU B 21 -12.05 43.57 6.01
N LEU B 22 -12.87 43.17 5.07
CA LEU B 22 -12.94 43.89 3.80
C LEU B 22 -13.58 45.25 4.03
N ILE B 23 -14.49 45.29 4.99
CA ILE B 23 -15.18 46.52 5.32
C ILE B 23 -14.23 47.57 5.94
N VAL B 24 -13.47 47.18 6.95
CA VAL B 24 -12.57 48.16 7.57
C VAL B 24 -11.53 48.67 6.60
N PHE B 25 -11.04 47.83 5.74
CA PHE B 25 -10.05 48.25 4.83
C PHE B 25 -10.64 49.30 3.89
N SER B 26 -11.75 48.98 3.34
CA SER B 26 -12.34 49.87 2.32
C SER B 26 -12.86 51.19 2.97
N LYS B 27 -13.41 51.11 4.17
CA LYS B 27 -13.88 52.31 4.91
C LYS B 27 -12.77 53.01 5.71
N ASP B 28 -11.72 52.27 6.03
CA ASP B 28 -10.66 52.66 7.01
C ASP B 28 -11.28 53.05 8.35
N GLN B 29 -12.37 52.40 8.66
CA GLN B 29 -13.01 52.57 9.93
C GLN B 29 -13.73 51.26 10.25
N PHE B 30 -13.61 50.82 11.49
CA PHE B 30 -14.37 49.71 11.99
C PHE B 30 -15.79 50.22 12.28
N PRO B 31 -16.81 49.50 11.78
CA PRO B 31 -18.16 50.09 11.82
C PRO B 31 -18.70 50.06 13.23
N GLU B 32 -19.05 51.24 13.69
CA GLU B 32 -19.19 51.48 15.11
C GLU B 32 -20.50 50.88 15.57
N VAL B 33 -21.56 51.47 15.05
CA VAL B 33 -22.92 51.16 15.46
C VAL B 33 -23.43 49.82 14.95
N TYR B 34 -23.07 49.43 13.74
CA TYR B 34 -23.65 48.23 13.13
C TYR B 34 -22.65 47.58 12.20
N VAL B 35 -22.45 46.28 12.32
CA VAL B 35 -21.57 45.59 11.42
C VAL B 35 -22.39 44.92 10.35
N PRO B 36 -22.14 45.27 9.09
CA PRO B 36 -22.99 44.78 8.04
C PRO B 36 -22.66 43.36 7.67
N THR B 37 -23.68 42.63 7.24
CA THR B 37 -23.49 41.27 6.75
C THR B 37 -22.90 41.28 5.35
N VAL B 38 -23.24 42.28 4.57
CA VAL B 38 -22.99 42.23 3.16
C VAL B 38 -21.90 43.19 2.68
N PHE B 39 -20.96 42.65 1.89
CA PHE B 39 -20.00 43.43 1.18
C PHE B 39 -20.09 43.14 -0.30
N GLU B 40 -20.49 44.14 -1.08
CA GLU B 40 -20.68 43.97 -2.50
C GLU B 40 -19.32 44.20 -3.18
N ASN B 41 -19.16 43.53 -4.32
CA ASN B 41 -17.98 43.65 -5.16
C ASN B 41 -17.64 45.14 -5.33
N TYR B 42 -16.38 45.49 -5.07
CA TYR B 42 -16.04 46.89 -4.95
C TYR B 42 -14.58 47.17 -5.26
N VAL B 43 -14.38 48.26 -6.01
CA VAL B 43 -13.07 48.62 -6.48
C VAL B 43 -12.51 49.66 -5.58
N ALA B 44 -11.45 49.30 -4.87
CA ALA B 44 -10.76 50.20 -3.97
C ALA B 44 -9.42 50.69 -4.53
N ASP B 45 -9.02 51.90 -4.10
CA ASP B 45 -7.82 52.51 -4.60
C ASP B 45 -6.77 52.40 -3.55
N ILE B 46 -5.60 51.98 -3.95
CA ILE B 46 -4.52 51.77 -2.97
C ILE B 46 -3.23 52.12 -3.64
N GLU B 47 -2.26 52.60 -2.87
CA GLU B 47 -0.94 52.89 -3.40
C GLU B 47 0.12 52.04 -2.69
N VAL B 48 0.98 51.38 -3.42
CA VAL B 48 2.06 50.64 -2.79
C VAL B 48 3.30 50.76 -3.62
N ASP B 49 4.44 50.79 -2.93
CA ASP B 49 5.71 50.91 -3.62
C ASP B 49 5.63 52.05 -4.65
N GLY B 50 4.97 53.15 -4.24
CA GLY B 50 4.59 54.28 -5.10
C GLY B 50 3.62 54.11 -6.28
N LYS B 51 3.04 52.94 -6.53
CA LYS B 51 2.18 52.69 -7.73
C LYS B 51 0.70 52.72 -7.38
N GLN B 52 -0.12 53.34 -8.23
CA GLN B 52 -1.57 53.43 -8.00
C GLN B 52 -2.21 52.17 -8.51
N VAL B 53 -3.16 51.63 -7.73
CA VAL B 53 -3.80 50.35 -8.09
C VAL B 53 -5.28 50.35 -7.80
N GLU B 54 -6.03 49.87 -8.75
CA GLU B 54 -7.45 49.56 -8.55
C GLU B 54 -7.50 48.09 -8.17
N LEU B 55 -7.83 47.88 -6.92
CA LEU B 55 -7.86 46.57 -6.34
C LEU B 55 -9.29 46.15 -6.22
N ALA B 56 -9.74 45.23 -7.07
CA ALA B 56 -11.15 44.78 -7.06
C ALA B 56 -11.28 43.78 -5.92
N LEU B 57 -12.23 44.01 -5.03
CA LEU B 57 -12.40 43.20 -3.79
C LEU B 57 -13.63 42.33 -3.89
N TRP B 58 -13.41 41.00 -3.82
CA TRP B 58 -14.50 40.03 -3.80
C TRP B 58 -14.61 39.24 -2.49
N ASP B 59 -15.73 39.40 -1.77
CA ASP B 59 -16.02 38.59 -0.55
C ASP B 59 -16.60 37.22 -1.01
N THR B 60 -16.35 36.17 -0.24
CA THR B 60 -16.93 34.87 -0.49
C THR B 60 -17.78 34.37 0.72
N ALA B 61 -17.96 35.21 1.72
CA ALA B 61 -18.81 34.85 2.89
C ALA B 61 -20.18 34.33 2.43
N GLY B 62 -20.49 33.12 2.88
CA GLY B 62 -21.76 32.54 2.48
C GLY B 62 -21.62 31.52 1.41
N GLN B 63 -20.43 31.44 0.81
CA GLN B 63 -20.15 30.39 -0.16
C GLN B 63 -19.46 29.12 0.40
N GLU B 64 -19.26 29.07 1.72
CA GLU B 64 -18.36 28.02 2.28
C GLU B 64 -18.95 26.60 2.13
N ASP B 65 -20.26 26.54 2.23
CA ASP B 65 -20.96 25.27 2.10
C ASP B 65 -21.25 24.82 0.70
N TYR B 66 -20.96 25.64 -0.30
CA TYR B 66 -21.40 25.35 -1.63
C TYR B 66 -20.23 25.16 -2.59
N ASP B 67 -19.76 23.93 -2.74
CA ASP B 67 -18.50 23.64 -3.42
C ASP B 67 -18.47 24.02 -4.89
N ARG B 68 -19.60 24.13 -5.55
CA ARG B 68 -19.57 24.43 -6.95
C ARG B 68 -20.06 25.82 -7.30
N LEU B 69 -20.46 26.56 -6.30
CA LEU B 69 -20.65 27.97 -6.39
C LEU B 69 -19.35 28.76 -6.12
N ARG B 70 -18.59 28.41 -5.12
CA ARG B 70 -17.35 29.16 -4.80
C ARG B 70 -16.37 29.36 -5.92
N PRO B 71 -16.13 28.32 -6.71
CA PRO B 71 -15.17 28.47 -7.83
C PRO B 71 -15.55 29.53 -8.89
N LEU B 72 -16.82 29.92 -8.91
CA LEU B 72 -17.25 31.01 -9.83
C LEU B 72 -16.55 32.29 -9.51
N SER B 73 -16.06 32.42 -8.30
CA SER B 73 -15.29 33.61 -7.89
C SER B 73 -13.85 33.64 -8.36
N TYR B 74 -13.26 32.50 -8.71
CA TYR B 74 -11.82 32.35 -8.90
C TYR B 74 -11.19 32.89 -10.18
N PRO B 75 -11.90 32.79 -11.32
CA PRO B 75 -11.21 33.18 -12.55
C PRO B 75 -10.61 34.57 -12.57
N ASP B 76 -9.46 34.73 -13.19
CA ASP B 76 -8.76 36.02 -13.30
C ASP B 76 -8.26 36.61 -12.01
N THR B 77 -8.24 35.81 -10.96
CA THR B 77 -7.77 36.29 -9.69
C THR B 77 -6.29 36.59 -9.74
N ASP B 78 -5.93 37.72 -9.15
CA ASP B 78 -4.50 38.15 -9.11
C ASP B 78 -3.83 37.96 -7.75
N VAL B 79 -4.60 37.95 -6.67
CA VAL B 79 -4.06 37.55 -5.40
C VAL B 79 -5.14 36.96 -4.52
N ILE B 80 -4.83 35.90 -3.78
CA ILE B 80 -5.73 35.38 -2.75
C ILE B 80 -5.38 35.77 -1.29
N LEU B 81 -6.36 36.30 -0.58
CA LEU B 81 -6.26 36.49 0.84
C LEU B 81 -6.91 35.28 1.51
N MET B 82 -6.11 34.36 2.01
CA MET B 82 -6.60 33.16 2.70
C MET B 82 -6.60 33.39 4.21
N CYS B 83 -7.78 33.44 4.81
CA CYS B 83 -7.92 33.74 6.25
C CYS B 83 -8.25 32.52 7.15
N PHE B 84 -7.76 32.60 8.38
CA PHE B 84 -8.20 31.77 9.49
C PHE B 84 -8.41 32.77 10.61
N SER B 85 -9.08 32.38 11.69
CA SER B 85 -9.23 33.28 12.83
C SER B 85 -8.39 32.78 14.01
N ILE B 86 -7.60 33.67 14.58
CA ILE B 86 -6.66 33.35 15.67
C ILE B 86 -7.38 32.70 16.86
N ASP B 87 -8.60 33.15 17.14
CA ASP B 87 -9.46 32.50 18.15
C ASP B 87 -10.08 31.16 17.72
N SER B 88 -9.71 30.63 16.55
CA SER B 88 -10.24 29.31 16.11
C SER B 88 -9.20 28.46 15.44
N PRO B 89 -8.50 27.65 16.21
CA PRO B 89 -7.49 26.78 15.59
C PRO B 89 -8.11 25.74 14.66
N ASP B 90 -9.42 25.53 14.78
CA ASP B 90 -10.16 24.74 13.77
C ASP B 90 -9.96 25.41 12.40
N SER B 91 -10.18 26.72 12.36
CA SER B 91 -10.06 27.44 11.11
C SER B 91 -8.66 27.34 10.48
N LEU B 92 -7.61 27.32 11.32
CA LEU B 92 -6.25 27.13 10.82
C LEU B 92 -6.03 25.73 10.28
N GLU B 93 -6.63 24.74 10.88
CA GLU B 93 -6.39 23.44 10.32
C GLU B 93 -7.10 23.29 8.99
N ASN B 94 -8.15 24.01 8.78
CA ASN B 94 -8.73 23.98 7.44
C ASN B 94 -7.96 24.68 6.33
N ILE B 95 -6.95 25.47 6.68
CA ILE B 95 -6.10 26.10 5.66
C ILE B 95 -5.44 25.07 4.78
N PRO B 96 -4.67 24.12 5.31
CA PRO B 96 -4.12 23.07 4.42
C PRO B 96 -5.14 22.05 4.02
N GLU B 97 -6.15 21.90 4.85
CA GLU B 97 -7.14 20.82 4.67
C GLU B 97 -8.15 21.11 3.58
N LYS B 98 -8.76 22.31 3.59
CA LYS B 98 -9.73 22.72 2.52
C LYS B 98 -9.22 23.82 1.56
N TRP B 99 -8.69 24.91 2.10
CA TRP B 99 -8.50 26.15 1.32
C TRP B 99 -7.35 26.14 0.36
N THR B 100 -6.24 25.55 0.74
CA THR B 100 -5.05 25.59 -0.09
C THR B 100 -5.19 24.72 -1.28
N PRO B 101 -5.52 23.47 -1.08
CA PRO B 101 -5.68 22.71 -2.33
C PRO B 101 -6.70 23.34 -3.31
N GLU B 102 -7.82 23.86 -2.81
CA GLU B 102 -8.80 24.50 -3.71
C GLU B 102 -8.21 25.74 -4.45
N VAL B 103 -7.55 26.63 -3.72
CA VAL B 103 -6.96 27.80 -4.33
C VAL B 103 -5.79 27.47 -5.29
N LYS B 104 -4.97 26.49 -4.91
CA LYS B 104 -3.95 26.02 -5.88
C LYS B 104 -4.54 25.43 -7.12
N HIS B 105 -5.67 24.74 -6.98
CA HIS B 105 -6.27 24.06 -8.14
C HIS B 105 -6.98 25.11 -9.05
N PHE B 106 -7.76 26.02 -8.47
CA PHE B 106 -8.46 26.99 -9.29
C PHE B 106 -7.66 28.26 -9.59
N CYS B 107 -6.67 28.60 -8.76
CA CYS B 107 -5.89 29.77 -9.03
C CYS B 107 -4.43 29.41 -9.09
N PRO B 108 -4.07 28.52 -10.00
CA PRO B 108 -2.65 28.13 -10.01
C PRO B 108 -1.67 29.29 -10.22
N ASN B 109 -0.52 29.25 -9.54
CA ASN B 109 0.55 30.32 -9.68
C ASN B 109 0.11 31.70 -9.23
N VAL B 110 -0.92 31.75 -8.41
CA VAL B 110 -1.44 33.01 -7.94
C VAL B 110 -1.01 33.14 -6.51
N PRO B 111 -0.48 34.31 -6.16
CA PRO B 111 0.10 34.36 -4.86
C PRO B 111 -0.98 34.32 -3.87
N ILE B 112 -0.66 33.71 -2.72
CA ILE B 112 -1.50 33.62 -1.54
C ILE B 112 -0.86 34.37 -0.38
N ILE B 113 -1.64 35.18 0.30
CA ILE B 113 -1.23 35.65 1.53
C ILE B 113 -2.13 35.06 2.61
N LEU B 114 -1.52 34.47 3.61
CA LEU B 114 -2.18 33.88 4.73
C LEU B 114 -2.40 34.93 5.78
N VAL B 115 -3.63 35.04 6.25
CA VAL B 115 -4.00 36.07 7.14
C VAL B 115 -4.59 35.44 8.39
N GLY B 116 -4.04 35.80 9.54
CA GLY B 116 -4.63 35.49 10.83
C GLY B 116 -5.49 36.67 11.29
N ASN B 117 -6.81 36.50 11.25
CA ASN B 117 -7.70 37.53 11.67
C ASN B 117 -7.86 37.50 13.20
N LYS B 118 -8.41 38.56 13.73
CA LYS B 118 -8.91 38.57 15.07
C LYS B 118 -7.85 38.46 16.15
N LYS B 119 -6.70 39.03 15.91
CA LYS B 119 -5.58 38.85 16.79
C LYS B 119 -5.82 39.55 18.12
N ASP B 120 -6.79 40.43 18.15
CA ASP B 120 -7.13 41.12 19.33
C ASP B 120 -7.80 40.21 20.37
N LEU B 121 -7.76 38.93 20.09
CA LEU B 121 -8.41 37.91 20.88
C LEU B 121 -7.42 36.87 21.35
N ARG B 122 -6.18 36.96 20.89
CA ARG B 122 -5.20 36.04 21.37
C ARG B 122 -5.17 36.11 22.92
N ASN B 123 -5.39 37.30 23.47
CA ASN B 123 -5.31 37.50 24.92
C ASN B 123 -6.58 37.96 25.58
N ASP B 124 -7.68 38.02 24.83
CA ASP B 124 -8.99 38.09 25.46
C ASP B 124 -9.12 36.87 26.40
N GLU B 125 -9.61 37.12 27.62
CA GLU B 125 -9.63 36.05 28.62
C GLU B 125 -10.80 35.15 28.34
N HIS B 126 -11.92 35.79 28.07
CA HIS B 126 -13.07 35.04 27.80
C HIS B 126 -12.77 34.06 26.68
N THR B 127 -11.90 34.44 25.76
CA THR B 127 -11.61 33.57 24.65
C THR B 127 -10.83 32.35 25.10
N ARG B 128 -9.82 32.59 25.91
CA ARG B 128 -8.85 31.56 26.19
C ARG B 128 -9.49 30.41 26.91
N ARG B 129 -10.46 30.73 27.74
CA ARG B 129 -11.08 29.68 28.49
C ARG B 129 -11.85 28.82 27.55
N GLU B 130 -12.79 29.44 26.87
CA GLU B 130 -13.69 28.67 26.02
C GLU B 130 -12.89 27.67 25.17
N LEU B 131 -11.66 28.00 24.83
CA LEU B 131 -10.86 27.11 24.02
C LEU B 131 -10.02 26.17 24.83
N ALA B 132 -9.67 26.63 26.02
CA ALA B 132 -9.15 25.71 27.05
C ALA B 132 -10.17 24.64 27.38
N LYS B 133 -11.46 24.96 27.28
CA LYS B 133 -12.48 23.91 27.35
C LYS B 133 -12.00 22.83 26.40
N MET B 134 -12.02 23.12 25.11
CA MET B 134 -11.89 22.06 24.11
C MET B 134 -10.43 21.58 23.97
N LYS B 135 -9.66 21.87 24.99
CA LYS B 135 -8.27 21.55 25.03
C LYS B 135 -7.63 22.21 23.85
N GLN B 136 -7.90 23.50 23.74
CA GLN B 136 -7.33 24.35 22.71
C GLN B 136 -6.90 25.72 23.25
N GLU B 137 -6.07 26.41 22.49
CA GLU B 137 -5.75 27.79 22.81
C GLU B 137 -5.52 28.61 21.56
N PRO B 138 -5.62 29.92 21.69
CA PRO B 138 -5.44 30.75 20.53
C PRO B 138 -4.22 30.40 19.71
N VAL B 139 -4.35 30.68 18.41
CA VAL B 139 -3.29 30.38 17.47
C VAL B 139 -2.17 31.34 17.79
N LYS B 140 -0.96 30.83 17.73
CA LYS B 140 0.22 31.59 18.09
C LYS B 140 0.89 31.98 16.78
N PRO B 141 1.53 33.15 16.74
CA PRO B 141 2.22 33.65 15.55
C PRO B 141 3.12 32.65 14.81
N GLU B 142 3.73 31.77 15.55
CA GLU B 142 4.74 30.90 14.99
C GLU B 142 4.05 29.81 14.19
N GLU B 143 2.86 29.45 14.65
CA GLU B 143 1.98 28.43 13.99
C GLU B 143 1.49 29.02 12.68
N GLY B 144 1.08 30.26 12.72
CA GLY B 144 0.73 31.00 11.51
C GLY B 144 1.81 31.06 10.47
N ARG B 145 3.01 31.45 10.89
CA ARG B 145 4.14 31.60 9.98
C ARG B 145 4.62 30.25 9.45
N ASP B 146 4.41 29.18 10.21
CA ASP B 146 4.89 27.88 9.78
C ASP B 146 3.91 27.35 8.81
N MET B 147 2.64 27.65 9.04
CA MET B 147 1.62 27.24 8.07
C MET B 147 1.82 28.00 6.75
N ALA B 148 2.11 29.28 6.84
CA ALA B 148 2.49 30.03 5.57
C ALA B 148 3.59 29.35 4.78
N ASN B 149 4.62 28.87 5.45
CA ASN B 149 5.76 28.33 4.73
C ASN B 149 5.39 27.00 4.19
N ARG B 150 4.62 26.26 4.98
CA ARG B 150 4.11 24.99 4.53
C ARG B 150 3.23 25.07 3.27
N ILE B 151 2.29 26.02 3.23
CA ILE B 151 1.47 26.12 2.02
C ILE B 151 2.10 26.92 0.89
N GLY B 152 3.31 27.46 1.08
CA GLY B 152 3.98 28.27 0.02
C GLY B 152 3.42 29.70 -0.16
N ALA B 153 2.89 30.28 0.90
CA ALA B 153 2.38 31.62 0.86
C ALA B 153 3.43 32.69 0.53
N PHE B 154 3.00 33.76 -0.12
CA PHE B 154 3.85 34.88 -0.36
C PHE B 154 4.21 35.56 0.94
N GLY B 155 3.31 35.56 1.90
CA GLY B 155 3.55 36.30 3.16
C GLY B 155 2.53 35.88 4.18
N TYR B 156 2.84 36.15 5.42
CA TYR B 156 1.96 35.93 6.52
C TYR B 156 1.73 37.23 7.17
N MET B 157 0.47 37.51 7.52
CA MET B 157 0.10 38.74 8.19
C MET B 157 -0.92 38.41 9.22
N GLU B 158 -1.01 39.24 10.24
CA GLU B 158 -2.06 39.15 11.26
C GLU B 158 -2.69 40.51 11.36
N CYS B 159 -3.95 40.52 11.78
CA CYS B 159 -4.63 41.78 12.01
C CYS B 159 -5.80 41.66 12.92
N SER B 160 -6.39 42.75 13.25
CA SER B 160 -7.56 42.74 14.01
C SER B 160 -8.39 43.79 13.34
N ALA B 161 -9.58 43.44 12.90
CA ALA B 161 -10.48 44.43 12.32
C ALA B 161 -10.99 45.44 13.36
N LYS B 162 -11.28 44.93 14.57
CA LYS B 162 -11.80 45.73 15.68
C LYS B 162 -10.92 46.98 15.86
N THR B 163 -9.62 46.76 16.03
CA THR B 163 -8.69 47.89 16.23
C THR B 163 -8.17 48.49 14.93
N LYS B 164 -8.29 47.76 13.82
CA LYS B 164 -7.66 48.14 12.51
C LYS B 164 -6.18 47.76 12.39
N ASP B 165 -5.56 47.43 13.50
CA ASP B 165 -4.15 47.02 13.53
C ASP B 165 -3.81 46.00 12.45
N GLY B 166 -2.96 46.38 11.50
CA GLY B 166 -2.48 45.45 10.45
C GLY B 166 -3.40 45.27 9.23
N VAL B 167 -4.54 45.94 9.25
CA VAL B 167 -5.49 45.82 8.17
C VAL B 167 -4.90 46.38 6.89
N ARG B 168 -4.55 47.63 6.91
CA ARG B 168 -3.89 48.22 5.78
C ARG B 168 -2.74 47.40 5.29
N GLU B 169 -2.04 46.77 6.19
CA GLU B 169 -0.82 46.07 5.78
C GLU B 169 -1.08 44.77 5.04
N VAL B 170 -2.15 44.14 5.48
CA VAL B 170 -2.66 42.98 4.78
C VAL B 170 -2.84 43.35 3.30
N PHE B 171 -3.59 44.41 3.06
CA PHE B 171 -3.92 44.78 1.69
C PHE B 171 -2.77 45.31 0.89
N GLU B 172 -1.89 46.03 1.57
CA GLU B 172 -0.64 46.45 0.90
C GLU B 172 0.18 45.24 0.43
N MET B 173 0.36 44.27 1.33
CA MET B 173 1.08 43.01 0.94
C MET B 173 0.37 42.31 -0.22
N ALA B 174 -0.92 42.23 -0.08
CA ALA B 174 -1.72 41.57 -1.12
C ALA B 174 -1.53 42.28 -2.42
N THR B 175 -1.48 43.64 -2.37
CA THR B 175 -1.25 44.38 -3.60
C THR B 175 0.18 44.19 -4.16
N ARG B 176 1.20 44.13 -3.28
CA ARG B 176 2.57 43.90 -3.76
C ARG B 176 2.59 42.52 -4.40
N ALA B 177 1.96 41.54 -3.75
CA ALA B 177 1.93 40.19 -4.32
C ALA B 177 1.33 40.24 -5.71
N ALA B 178 0.24 40.99 -5.85
CA ALA B 178 -0.41 40.99 -7.20
C ALA B 178 0.47 41.58 -8.30
N LEU B 179 1.31 42.54 -7.96
CA LEU B 179 2.31 43.12 -8.92
C LEU B 179 3.52 42.25 -9.29
N GLN B 180 4.08 41.46 -8.37
CA GLN B 180 5.30 40.68 -8.71
C GLN B 180 5.19 40.12 -10.07
N GLN C 2 39.72 -44.75 -4.32
CA GLN C 2 40.21 -43.36 -4.53
C GLN C 2 39.52 -42.86 -5.78
N ASN C 3 39.88 -43.44 -6.91
CA ASN C 3 39.75 -42.79 -8.23
C ASN C 3 39.73 -43.86 -9.35
N TRP C 4 38.73 -43.83 -10.21
CA TRP C 4 38.50 -44.94 -11.10
C TRP C 4 39.61 -45.08 -12.13
N GLN C 5 39.98 -43.96 -12.77
CA GLN C 5 40.98 -44.00 -13.85
C GLN C 5 42.34 -44.59 -13.36
N HIS C 6 42.71 -44.34 -12.09
CA HIS C 6 43.97 -44.82 -11.51
C HIS C 6 43.82 -46.17 -10.82
N THR C 7 42.60 -46.64 -10.60
CA THR C 7 42.44 -47.89 -9.86
C THR C 7 41.89 -49.04 -10.64
N VAL C 8 40.57 -49.17 -10.67
CA VAL C 8 39.85 -50.22 -11.45
C VAL C 8 40.08 -50.02 -12.95
N GLY C 9 39.75 -48.85 -13.48
CA GLY C 9 40.25 -48.49 -14.80
C GLY C 9 41.71 -48.02 -14.88
N LYS C 10 42.60 -48.84 -15.42
CA LYS C 10 44.04 -48.60 -15.33
C LYS C 10 44.72 -48.97 -16.63
N ASP C 11 44.57 -50.23 -17.02
CA ASP C 11 45.03 -50.73 -18.31
C ASP C 11 44.05 -50.38 -19.44
N VAL C 12 42.78 -50.16 -19.06
CA VAL C 12 41.70 -49.90 -20.02
C VAL C 12 41.39 -48.45 -20.33
N VAL C 13 42.03 -47.52 -19.64
CA VAL C 13 41.71 -46.09 -19.85
C VAL C 13 42.12 -45.61 -21.27
N ALA C 14 43.24 -46.11 -21.79
CA ALA C 14 43.86 -45.50 -22.99
C ALA C 14 43.01 -45.62 -24.25
N GLY C 15 42.18 -46.66 -24.34
CA GLY C 15 41.25 -46.82 -25.45
C GLY C 15 39.90 -46.12 -25.34
N LEU C 16 39.77 -45.11 -24.49
CA LEU C 16 38.48 -44.43 -24.25
C LEU C 16 38.52 -42.90 -24.32
N THR C 17 37.43 -42.30 -24.73
CA THR C 17 37.33 -40.84 -24.72
C THR C 17 37.33 -40.29 -23.29
N GLN C 18 37.55 -39.01 -23.10
CA GLN C 18 37.69 -38.43 -21.78
C GLN C 18 36.38 -38.35 -21.11
N ARG C 19 35.39 -38.36 -21.93
CA ARG C 19 34.06 -38.36 -21.61
C ARG C 19 33.56 -39.66 -21.11
N GLU C 20 33.97 -40.72 -21.74
CA GLU C 20 33.69 -41.99 -21.20
C GLU C 20 34.44 -42.09 -19.91
N ILE C 21 35.53 -41.37 -19.75
CA ILE C 21 36.27 -41.55 -18.56
C ILE C 21 35.61 -40.80 -17.43
N ASP C 22 35.16 -39.59 -17.66
CA ASP C 22 34.33 -38.88 -16.73
C ASP C 22 33.11 -39.74 -16.35
N ARG C 23 32.38 -40.21 -17.36
CA ARG C 23 31.21 -41.04 -17.15
C ARG C 23 31.48 -42.18 -16.21
N GLN C 24 32.63 -42.83 -16.35
CA GLN C 24 32.92 -43.99 -15.51
C GLN C 24 33.33 -43.59 -14.08
N GLU C 25 33.84 -42.39 -13.93
CA GLU C 25 34.22 -41.90 -12.61
C GLU C 25 32.92 -41.64 -11.82
N VAL C 26 31.92 -41.05 -12.46
CA VAL C 26 30.64 -40.80 -11.80
C VAL C 26 30.04 -42.12 -11.39
N ILE C 27 30.04 -43.07 -12.26
CA ILE C 27 29.45 -44.36 -11.99
C ILE C 27 30.19 -45.04 -10.83
N ASN C 28 31.49 -44.96 -10.87
CA ASN C 28 32.30 -45.56 -9.87
C ASN C 28 31.97 -44.87 -8.53
N GLU C 29 31.83 -43.52 -8.51
CA GLU C 29 31.34 -42.82 -7.33
C GLU C 29 29.96 -43.28 -6.86
N LEU C 30 28.98 -43.38 -7.77
CA LEU C 30 27.68 -43.91 -7.34
C LEU C 30 27.87 -45.25 -6.63
N PHE C 31 28.63 -46.12 -7.26
CA PHE C 31 28.75 -47.48 -6.74
C PHE C 31 29.44 -47.51 -5.40
N VAL C 32 30.53 -46.77 -5.27
CA VAL C 32 31.31 -46.82 -4.02
C VAL C 32 30.54 -46.18 -2.87
N THR C 33 29.75 -45.13 -3.15
CA THR C 33 29.05 -44.46 -2.12
C THR C 33 27.88 -45.25 -1.71
N GLU C 34 27.37 -46.10 -2.62
CA GLU C 34 26.28 -46.98 -2.22
C GLU C 34 26.77 -48.00 -1.22
N ALA C 35 27.91 -48.61 -1.51
CA ALA C 35 28.52 -49.57 -0.57
C ALA C 35 28.80 -48.86 0.79
N SER C 36 29.29 -47.66 0.68
CA SER C 36 29.60 -46.91 1.87
C SER C 36 28.29 -46.61 2.68
N HIS C 37 27.23 -46.24 1.99
CA HIS C 37 25.93 -46.09 2.66
C HIS C 37 25.43 -47.35 3.34
N LEU C 38 25.52 -48.46 2.66
CA LEU C 38 25.09 -49.73 3.24
C LEU C 38 25.90 -50.10 4.46
N ARG C 39 27.12 -49.64 4.54
CA ARG C 39 27.96 -49.86 5.68
C ARG C 39 27.52 -48.95 6.84
N THR C 40 27.07 -47.73 6.55
CA THR C 40 26.53 -46.84 7.55
C THR C 40 25.22 -47.43 8.10
N LEU C 41 24.38 -48.00 7.25
CA LEU C 41 23.15 -48.62 7.78
C LEU C 41 23.41 -49.79 8.73
N ARG C 42 24.51 -50.46 8.49
CA ARG C 42 24.88 -51.63 9.23
C ARG C 42 25.58 -51.29 10.50
N VAL C 43 26.19 -50.10 10.57
CA VAL C 43 26.65 -49.63 11.81
C VAL C 43 25.38 -49.35 12.67
N LEU C 44 24.41 -48.62 12.12
CA LEU C 44 23.17 -48.42 12.80
C LEU C 44 22.66 -49.74 13.30
N ASP C 45 22.65 -50.73 12.44
CA ASP C 45 22.05 -52.03 12.81
C ASP C 45 22.75 -52.69 14.01
N LEU C 46 24.05 -52.77 13.91
CA LEU C 46 24.90 -53.57 14.75
C LEU C 46 25.34 -52.95 16.04
N ILE C 47 25.76 -51.71 15.98
CA ILE C 47 26.21 -50.99 17.13
C ILE C 47 25.04 -50.46 17.92
N PHE C 48 23.92 -50.15 17.26
CA PHE C 48 22.83 -49.50 18.00
C PHE C 48 21.60 -50.38 18.06
N TYR C 49 20.96 -50.60 16.93
CA TYR C 49 19.65 -51.26 16.93
C TYR C 49 19.66 -52.65 17.56
N GLN C 50 20.48 -53.57 17.07
CA GLN C 50 20.49 -54.99 17.55
C GLN C 50 20.81 -55.06 19.02
N ARG C 51 21.75 -54.25 19.46
CA ARG C 51 22.04 -54.16 20.86
C ARG C 51 20.89 -53.52 21.68
N MET C 52 20.25 -52.48 21.17
CA MET C 52 19.16 -51.90 21.91
C MET C 52 18.05 -52.91 22.12
N LYS C 53 17.82 -53.73 21.10
CA LYS C 53 16.82 -54.77 21.18
C LYS C 53 17.16 -55.90 22.19
N LYS C 54 18.34 -56.46 22.05
CA LYS C 54 18.73 -57.69 22.72
C LYS C 54 18.96 -57.47 24.17
N GLU C 55 19.60 -56.36 24.49
CA GLU C 55 19.81 -55.94 25.84
C GLU C 55 18.65 -55.11 26.52
N ASN C 56 17.53 -54.90 25.80
CA ASN C 56 16.38 -54.17 26.29
C ASN C 56 16.75 -52.85 26.88
N LEU C 57 17.39 -52.02 26.09
CA LEU C 57 17.68 -50.70 26.59
C LEU C 57 16.46 -49.78 26.64
N MET C 58 15.43 -50.16 25.87
CA MET C 58 14.21 -49.46 25.92
C MET C 58 13.09 -50.45 25.56
N PRO C 59 11.85 -50.13 25.90
CA PRO C 59 10.81 -50.98 25.38
C PRO C 59 10.82 -51.10 23.85
N ARG C 60 10.34 -52.22 23.36
CA ARG C 60 10.21 -52.53 21.96
C ARG C 60 9.41 -51.55 21.15
N GLU C 61 8.36 -51.02 21.75
CA GLU C 61 7.51 -50.05 21.08
C GLU C 61 8.19 -48.68 20.88
N GLU C 62 9.08 -48.26 21.77
CA GLU C 62 9.85 -47.03 21.56
C GLU C 62 10.89 -47.30 20.53
N LEU C 63 11.47 -48.47 20.60
CA LEU C 63 12.55 -48.82 19.68
C LEU C 63 12.08 -48.87 18.27
N ALA C 64 10.92 -49.50 18.05
CA ALA C 64 10.25 -49.55 16.75
C ALA C 64 9.93 -48.15 16.18
N ARG C 65 9.74 -47.14 17.00
CA ARG C 65 9.62 -45.82 16.48
C ARG C 65 10.94 -45.16 16.09
N LEU C 66 12.04 -45.58 16.65
CA LEU C 66 13.33 -45.04 16.31
C LEU C 66 13.88 -45.73 15.05
N PHE C 67 13.69 -47.01 14.95
CA PHE C 67 14.11 -47.80 13.80
C PHE C 67 12.92 -48.58 13.30
N PRO C 68 11.98 -47.93 12.59
CA PRO C 68 10.76 -48.68 12.29
C PRO C 68 11.01 -49.89 11.43
N ASN C 69 12.00 -49.80 10.53
CA ASN C 69 12.05 -50.76 9.47
C ASN C 69 13.45 -50.92 8.93
N LEU C 70 14.42 -50.82 9.81
CA LEU C 70 15.81 -50.95 9.47
C LEU C 70 16.15 -52.13 8.58
N PRO C 71 15.61 -53.32 8.86
CA PRO C 71 15.96 -54.50 8.05
C PRO C 71 15.54 -54.40 6.61
N GLU C 72 14.35 -53.86 6.41
CA GLU C 72 13.81 -53.58 5.08
C GLU C 72 14.62 -52.47 4.39
N LEU C 73 15.00 -51.45 5.14
CA LEU C 73 15.82 -50.36 4.57
C LEU C 73 17.16 -50.88 4.08
N ILE C 74 17.84 -51.63 4.94
CA ILE C 74 19.08 -52.34 4.59
C ILE C 74 19.01 -53.20 3.32
N GLU C 75 17.99 -54.04 3.21
CA GLU C 75 17.78 -54.91 2.06
C GLU C 75 17.46 -54.13 0.75
N ILE C 76 16.75 -53.02 0.87
CA ILE C 76 16.58 -52.14 -0.28
C ILE C 76 17.92 -51.70 -0.89
N HIS C 77 18.83 -51.23 -0.05
CA HIS C 77 20.13 -50.82 -0.49
C HIS C 77 21.05 -52.02 -0.73
N ASN C 78 20.93 -53.09 0.03
CA ASN C 78 21.77 -54.30 -0.20
C ASN C 78 21.48 -54.95 -1.53
N SER C 79 20.20 -55.14 -1.83
CA SER C 79 19.84 -55.78 -3.11
C SER C 79 20.40 -54.96 -4.30
N TRP C 80 20.30 -53.62 -4.24
CA TRP C 80 20.76 -52.79 -5.33
C TRP C 80 22.29 -52.83 -5.45
N CYS C 81 22.93 -52.77 -4.34
CA CYS C 81 24.35 -53.01 -4.26
C CYS C 81 24.82 -54.34 -4.86
N GLU C 82 24.05 -55.41 -4.59
CA GLU C 82 24.37 -56.68 -5.20
C GLU C 82 24.25 -56.56 -6.67
N ALA C 83 23.20 -55.93 -7.12
CA ALA C 83 22.98 -55.77 -8.56
C ALA C 83 24.12 -54.94 -9.16
N MET C 84 24.56 -53.91 -8.44
CA MET C 84 25.69 -53.14 -8.87
C MET C 84 26.91 -54.02 -9.07
N LYS C 85 27.16 -54.87 -8.11
CA LYS C 85 28.29 -55.75 -8.13
C LYS C 85 28.25 -56.75 -9.26
N LYS C 86 27.10 -57.30 -9.52
CA LYS C 86 26.94 -58.20 -10.62
C LYS C 86 27.35 -57.50 -11.91
N LEU C 87 26.89 -56.29 -12.10
CA LEU C 87 27.31 -55.51 -13.27
C LEU C 87 28.82 -55.32 -13.35
N ARG C 88 29.44 -54.85 -12.27
CA ARG C 88 30.90 -54.58 -12.20
C ARG C 88 31.70 -55.84 -12.55
N GLU C 89 31.08 -56.97 -12.28
CA GLU C 89 31.69 -58.27 -12.43
C GLU C 89 32.02 -58.57 -13.87
N GLU C 90 31.08 -58.30 -14.76
CA GLU C 90 31.32 -58.56 -16.18
C GLU C 90 32.16 -57.48 -16.88
N GLY C 91 33.21 -57.00 -16.22
CA GLY C 91 34.14 -56.05 -16.84
C GLY C 91 34.13 -54.67 -16.18
N PRO C 92 35.33 -54.08 -15.98
CA PRO C 92 35.37 -52.84 -15.20
C PRO C 92 34.92 -51.56 -15.88
N ILE C 93 34.59 -51.63 -17.15
CA ILE C 93 33.99 -50.49 -17.84
C ILE C 93 32.52 -50.77 -17.92
N ILE C 94 31.74 -49.99 -17.20
CA ILE C 94 30.35 -50.19 -17.17
C ILE C 94 29.78 -49.55 -18.40
N LYS C 95 28.83 -50.25 -18.99
CA LYS C 95 28.23 -49.83 -20.20
C LYS C 95 26.93 -49.17 -19.90
N GLU C 96 25.85 -49.60 -20.51
CA GLU C 96 24.57 -49.01 -20.25
C GLU C 96 24.23 -49.25 -18.82
N ILE C 97 23.68 -48.26 -18.17
CA ILE C 97 23.39 -48.37 -16.77
C ILE C 97 21.96 -48.06 -16.44
N SER C 98 21.20 -47.59 -17.40
CA SER C 98 19.89 -47.08 -17.13
C SER C 98 18.92 -48.11 -16.53
N ASP C 99 19.04 -49.39 -16.94
CA ASP C 99 18.14 -50.49 -16.41
C ASP C 99 18.37 -50.80 -14.92
N LEU C 100 19.62 -50.70 -14.52
CA LEU C 100 19.99 -50.75 -13.09
C LEU C 100 19.38 -49.60 -12.29
N MET C 101 19.36 -48.41 -12.87
CA MET C 101 18.78 -47.27 -12.20
C MET C 101 17.28 -47.46 -12.16
N LEU C 102 16.66 -47.76 -13.28
CA LEU C 102 15.21 -47.96 -13.28
C LEU C 102 14.76 -49.10 -12.36
N ALA C 103 15.62 -50.09 -12.19
CA ALA C 103 15.31 -51.17 -11.29
C ALA C 103 15.21 -50.73 -9.79
N ARG C 104 15.83 -49.60 -9.44
CA ARG C 104 15.68 -49.01 -8.10
C ARG C 104 14.68 -47.87 -7.96
N PHE C 105 14.60 -47.04 -8.99
CA PHE C 105 13.90 -45.80 -8.90
C PHE C 105 12.59 -45.71 -9.70
N ASP C 106 12.15 -46.78 -10.33
CA ASP C 106 10.94 -46.78 -11.18
C ASP C 106 9.95 -47.92 -10.89
N GLY C 107 8.72 -47.66 -11.22
CA GLY C 107 7.66 -48.62 -11.04
C GLY C 107 7.53 -49.06 -9.59
N PRO C 108 7.27 -50.32 -9.38
CA PRO C 108 7.18 -50.86 -8.05
C PRO C 108 8.41 -50.57 -7.21
N ALA C 109 9.58 -50.50 -7.79
CA ALA C 109 10.78 -50.19 -7.05
C ALA C 109 10.76 -48.83 -6.40
N ARG C 110 10.15 -47.89 -7.06
CA ARG C 110 9.86 -46.59 -6.54
C ARG C 110 8.80 -46.71 -5.51
N GLU C 111 7.77 -47.53 -5.70
CA GLU C 111 6.79 -47.41 -4.71
C GLU C 111 7.40 -47.84 -3.39
N GLU C 112 8.20 -48.86 -3.43
CA GLU C 112 8.81 -49.46 -2.28
C GLU C 112 9.83 -48.59 -1.57
N LEU C 113 10.73 -48.02 -2.32
CA LEU C 113 11.77 -47.15 -1.72
C LEU C 113 11.17 -45.94 -1.05
N GLN C 114 10.23 -45.28 -1.73
CA GLN C 114 9.71 -44.05 -1.10
C GLN C 114 8.95 -44.34 0.20
N GLN C 115 8.21 -45.45 0.23
CA GLN C 115 7.39 -45.81 1.42
C GLN C 115 8.24 -46.24 2.61
N VAL C 116 9.21 -47.08 2.32
CA VAL C 116 10.18 -47.49 3.28
C VAL C 116 11.09 -46.36 3.79
N ALA C 117 11.64 -45.51 2.94
CA ALA C 117 12.35 -44.32 3.43
C ALA C 117 11.45 -43.34 4.17
N ALA C 118 10.25 -43.15 3.66
CA ALA C 118 9.28 -42.25 4.37
C ALA C 118 9.03 -42.75 5.79
N GLN C 119 8.81 -44.02 5.90
CA GLN C 119 8.53 -44.57 7.20
C GLN C 119 9.75 -44.46 8.14
N PHE C 120 10.92 -44.65 7.62
CA PHE C 120 12.07 -44.56 8.40
C PHE C 120 12.30 -43.14 8.89
N CYS C 121 12.04 -42.14 8.06
CA CYS C 121 12.42 -40.77 8.37
C CYS C 121 11.34 -39.95 9.01
N SER C 122 10.09 -40.17 8.69
CA SER C 122 9.06 -39.26 9.03
C SER C 122 9.01 -38.86 10.46
N TYR C 123 9.20 -39.86 11.34
CA TYR C 123 9.05 -39.64 12.74
C TYR C 123 10.39 -39.37 13.41
N GLN C 124 11.45 -39.29 12.63
CA GLN C 124 12.77 -39.27 13.19
C GLN C 124 13.08 -38.07 14.11
N SER C 125 12.73 -36.86 13.68
CA SER C 125 13.04 -35.67 14.48
C SER C 125 12.41 -35.86 15.88
N ILE C 126 11.20 -36.44 15.93
CA ILE C 126 10.49 -36.66 17.19
C ILE C 126 11.23 -37.72 18.05
N ALA C 127 11.58 -38.85 17.45
CA ALA C 127 12.24 -39.95 18.15
C ALA C 127 13.61 -39.52 18.67
N LEU C 128 14.28 -38.66 17.94
CA LEU C 128 15.61 -38.25 18.45
C LEU C 128 15.50 -37.35 19.68
N GLU C 129 14.56 -36.43 19.70
CA GLU C 129 14.29 -35.68 20.92
C GLU C 129 14.00 -36.60 22.14
N LEU C 130 13.18 -37.62 21.93
CA LEU C 130 12.96 -38.63 22.96
C LEU C 130 14.24 -39.42 23.42
N ILE C 131 15.09 -39.79 22.49
CA ILE C 131 16.40 -40.37 22.83
C ILE C 131 17.24 -39.38 23.62
N LYS C 132 17.27 -38.10 23.22
CA LYS C 132 17.99 -37.11 24.06
C LYS C 132 17.45 -37.05 25.55
N THR C 133 16.16 -37.05 25.68
CA THR C 133 15.58 -36.94 27.03
C THR C 133 15.93 -38.13 27.91
N LYS C 134 15.84 -39.30 27.30
CA LYS C 134 16.12 -40.55 27.96
C LYS C 134 17.59 -40.64 28.41
N GLN C 135 18.47 -40.06 27.64
CA GLN C 135 19.87 -40.03 28.01
C GLN C 135 20.09 -39.18 29.22
N ARG C 136 19.31 -38.13 29.33
CA ARG C 136 19.39 -37.19 30.43
C ARG C 136 18.84 -37.79 31.71
N LYS C 137 17.90 -38.72 31.58
CA LYS C 137 17.13 -39.18 32.73
C LYS C 137 17.46 -40.58 33.17
N GLU C 138 18.16 -41.33 32.33
CA GLU C 138 18.38 -42.74 32.63
C GLU C 138 19.83 -43.08 32.49
N SER C 139 20.51 -43.23 33.61
CA SER C 139 21.95 -43.50 33.60
C SER C 139 22.33 -44.75 32.80
N ARG C 140 21.50 -45.76 32.73
CA ARG C 140 21.98 -46.94 32.02
C ARG C 140 21.95 -46.71 30.48
N PHE C 141 20.95 -45.97 30.02
CA PHE C 141 20.82 -45.64 28.64
C PHE C 141 21.96 -44.67 28.27
N GLN C 142 22.24 -43.70 29.13
CA GLN C 142 23.30 -42.74 28.85
C GLN C 142 24.64 -43.44 28.69
N LEU C 143 24.99 -44.32 29.65
CA LEU C 143 26.23 -45.11 29.59
C LEU C 143 26.33 -46.00 28.35
N PHE C 144 25.25 -46.65 27.98
CA PHE C 144 25.21 -47.42 26.77
C PHE C 144 25.49 -46.56 25.48
N MET C 145 24.97 -45.35 25.46
CA MET C 145 25.09 -44.45 24.34
C MET C 145 26.54 -43.99 24.21
N GLN C 146 27.17 -43.61 25.32
CA GLN C 146 28.54 -43.09 25.23
C GLN C 146 29.44 -44.23 24.72
N GLU C 147 29.13 -45.41 25.19
CA GLU C 147 29.86 -46.57 24.84
C GLU C 147 29.69 -47.03 23.40
N ALA C 148 28.47 -47.13 22.93
CA ALA C 148 28.21 -47.44 21.55
C ALA C 148 28.80 -46.37 20.56
N GLU C 149 28.70 -45.09 20.91
CA GLU C 149 29.26 -44.04 20.07
C GLU C 149 30.79 -43.95 20.14
N SER C 150 31.40 -44.58 21.11
CA SER C 150 32.86 -44.56 21.14
C SER C 150 33.38 -45.70 20.30
N HIS C 151 32.50 -46.55 19.78
CA HIS C 151 32.96 -47.57 18.88
C HIS C 151 33.61 -46.93 17.61
N PRO C 152 34.71 -47.51 17.09
CA PRO C 152 35.46 -46.89 15.96
C PRO C 152 34.65 -46.68 14.67
N GLN C 153 33.87 -47.68 14.31
CA GLN C 153 32.91 -47.57 13.23
C GLN C 153 31.91 -46.40 13.28
N CYS C 154 31.66 -45.80 14.44
CA CYS C 154 30.95 -44.52 14.43
C CYS C 154 31.71 -43.32 13.87
N ARG C 155 33.00 -43.50 13.69
CA ARG C 155 33.87 -42.44 13.13
C ARG C 155 33.67 -41.16 13.88
N ARG C 156 33.51 -41.29 15.18
CA ARG C 156 33.29 -40.14 16.05
C ARG C 156 31.98 -39.39 15.82
N LEU C 157 31.06 -40.06 15.12
CA LEU C 157 29.72 -39.55 15.03
C LEU C 157 28.78 -40.16 16.04
N GLN C 158 27.85 -39.34 16.51
CA GLN C 158 26.78 -39.80 17.39
C GLN C 158 25.67 -40.41 16.57
N LEU C 159 24.77 -41.07 17.25
CA LEU C 159 23.63 -41.65 16.59
C LEU C 159 22.80 -40.65 15.81
N ARG C 160 22.64 -39.48 16.37
CA ARG C 160 21.79 -38.48 15.79
C ARG C 160 22.42 -37.99 14.50
N ASP C 161 23.74 -38.12 14.43
CA ASP C 161 24.50 -37.76 13.25
C ASP C 161 24.39 -38.78 12.16
N LEU C 162 24.30 -40.06 12.51
CA LEU C 162 24.40 -41.19 11.55
C LEU C 162 23.07 -41.60 10.98
N ILE C 163 22.00 -41.38 11.75
CA ILE C 163 20.69 -41.94 11.45
C ILE C 163 20.01 -41.15 10.33
N ILE C 164 20.45 -39.91 10.13
CA ILE C 164 19.99 -39.06 9.07
C ILE C 164 20.55 -39.43 7.65
N SER C 165 21.41 -40.43 7.59
CA SER C 165 22.11 -40.73 6.41
C SER C 165 21.17 -41.26 5.31
N GLU C 166 20.07 -41.93 5.68
CA GLU C 166 19.15 -42.39 4.65
C GLU C 166 18.61 -41.17 3.85
N MET C 167 18.14 -40.14 4.57
CA MET C 167 17.73 -38.90 3.94
C MET C 167 18.81 -38.26 3.07
N GLN C 168 20.01 -38.16 3.59
CA GLN C 168 21.09 -37.45 2.86
C GLN C 168 21.44 -38.28 1.66
N ARG C 169 21.34 -39.58 1.75
CA ARG C 169 21.71 -40.43 0.65
C ARG C 169 20.78 -40.24 -0.54
N LEU C 170 19.48 -40.25 -0.22
CA LEU C 170 18.46 -40.05 -1.21
C LEU C 170 18.62 -38.73 -1.97
N THR C 171 19.04 -37.72 -1.26
CA THR C 171 19.32 -36.44 -1.98
C THR C 171 20.47 -36.51 -3.00
N LYS C 172 21.28 -37.51 -2.87
CA LYS C 172 22.43 -37.66 -3.65
C LYS C 172 22.15 -38.23 -4.97
N TYR C 173 21.07 -38.95 -5.11
CA TYR C 173 20.81 -39.65 -6.31
C TYR C 173 20.52 -38.75 -7.53
N PRO C 174 19.68 -37.76 -7.41
CA PRO C 174 19.50 -36.90 -8.58
C PRO C 174 20.79 -36.24 -9.03
N LEU C 175 21.65 -35.86 -8.09
CA LEU C 175 22.93 -35.23 -8.47
C LEU C 175 23.88 -36.21 -9.22
N LEU C 176 23.99 -37.40 -8.71
CA LEU C 176 24.71 -38.45 -9.34
C LEU C 176 24.19 -38.81 -10.72
N LEU C 177 22.87 -38.91 -10.85
CA LEU C 177 22.27 -39.20 -12.15
C LEU C 177 22.44 -38.04 -13.16
N GLU C 178 22.15 -36.82 -12.74
CA GLU C 178 22.36 -35.64 -13.59
C GLU C 178 23.80 -35.56 -14.08
N SER C 179 24.73 -36.11 -13.31
CA SER C 179 26.12 -36.06 -13.67
C SER C 179 26.56 -37.31 -14.53
N ILE C 180 25.84 -38.40 -14.46
CA ILE C 180 26.01 -39.46 -15.41
C ILE C 180 25.40 -39.09 -16.78
N ILE C 181 24.24 -38.46 -16.73
CA ILE C 181 23.58 -37.91 -17.90
C ILE C 181 24.45 -36.94 -18.76
N LYS C 182 25.16 -36.09 -18.09
CA LYS C 182 25.96 -35.04 -18.67
C LYS C 182 27.07 -35.66 -19.55
N HIS C 183 27.57 -36.82 -19.16
CA HIS C 183 28.59 -37.54 -19.88
C HIS C 183 27.99 -38.73 -20.64
N THR C 184 26.68 -38.70 -20.91
CA THR C 184 26.02 -39.75 -21.67
C THR C 184 25.63 -39.13 -23.02
N GLU C 185 25.78 -39.91 -24.09
CA GLU C 185 25.42 -39.46 -25.43
C GLU C 185 23.92 -39.17 -25.54
N GLY C 186 23.58 -37.94 -25.83
CA GLY C 186 22.18 -37.51 -25.95
C GLY C 186 21.45 -38.13 -27.14
N GLY C 187 20.12 -38.16 -27.05
CA GLY C 187 19.26 -38.70 -28.12
C GLY C 187 19.07 -40.20 -28.08
N THR C 188 19.77 -40.88 -27.17
CA THR C 188 19.75 -42.36 -27.07
C THR C 188 18.79 -42.90 -26.01
N SER C 189 18.52 -44.20 -26.04
CA SER C 189 17.52 -44.77 -25.11
C SER C 189 18.04 -44.71 -23.66
N GLU C 190 19.29 -45.15 -23.51
CA GLU C 190 20.08 -44.93 -22.32
C GLU C 190 19.91 -43.51 -21.73
N HIS C 191 20.01 -42.46 -22.55
CA HIS C 191 19.93 -41.06 -22.03
C HIS C 191 18.54 -40.71 -21.54
N GLU C 192 17.57 -41.11 -22.33
CA GLU C 192 16.15 -40.87 -22.06
C GLU C 192 15.76 -41.55 -20.74
N LYS C 193 16.31 -42.73 -20.54
CA LYS C 193 15.94 -43.56 -19.38
C LYS C 193 16.64 -43.05 -18.12
N LEU C 194 17.87 -42.59 -18.23
CA LEU C 194 18.47 -41.93 -17.05
C LEU C 194 17.67 -40.74 -16.66
N CYS C 195 17.21 -39.94 -17.65
CA CYS C 195 16.39 -38.74 -17.32
C CYS C 195 15.11 -39.11 -16.58
N ARG C 196 14.58 -40.26 -16.95
CA ARG C 196 13.41 -40.72 -16.34
C ARG C 196 13.75 -41.15 -14.86
N ALA C 197 14.86 -41.82 -14.68
CA ALA C 197 15.27 -42.30 -13.38
C ALA C 197 15.58 -41.08 -12.47
N ARG C 198 16.26 -40.07 -13.02
CA ARG C 198 16.47 -38.82 -12.33
C ARG C 198 15.15 -38.14 -11.96
N ASP C 199 14.18 -38.14 -12.84
CA ASP C 199 12.87 -37.49 -12.50
C ASP C 199 12.14 -38.23 -11.35
N GLN C 200 12.27 -39.55 -11.37
CA GLN C 200 11.64 -40.38 -10.42
C GLN C 200 12.27 -40.19 -9.06
N CYS C 201 13.61 -40.08 -9.01
CA CYS C 201 14.32 -39.80 -7.77
C CYS C 201 13.86 -38.51 -7.09
N ARG C 202 13.68 -37.48 -7.88
CA ARG C 202 13.15 -36.23 -7.38
C ARG C 202 11.76 -36.41 -6.83
N GLU C 203 10.96 -37.22 -7.52
CA GLU C 203 9.61 -37.44 -7.05
C GLU C 203 9.58 -38.17 -5.72
N ILE C 204 10.43 -39.18 -5.61
CA ILE C 204 10.64 -39.89 -4.38
C ILE C 204 11.03 -38.94 -3.22
N LEU C 205 11.92 -37.96 -3.50
CA LEU C 205 12.30 -37.02 -2.53
C LEU C 205 11.15 -36.16 -2.17
N LYS C 206 10.35 -35.80 -3.17
CA LYS C 206 9.11 -35.01 -2.93
C LYS C 206 8.23 -35.76 -1.92
N TYR C 207 8.12 -37.09 -2.11
CA TYR C 207 7.25 -37.95 -1.34
C TYR C 207 7.75 -37.98 0.10
N VAL C 208 9.02 -38.25 0.28
CA VAL C 208 9.61 -38.27 1.64
C VAL C 208 9.51 -36.92 2.33
N ASN C 209 9.68 -35.86 1.58
CA ASN C 209 9.46 -34.49 2.07
C ASN C 209 8.08 -34.36 2.68
N GLU C 210 7.08 -34.80 1.88
CA GLU C 210 5.67 -34.70 2.27
C GLU C 210 5.39 -35.58 3.49
N ALA C 211 5.89 -36.81 3.48
CA ALA C 211 5.66 -37.64 4.67
C ALA C 211 6.18 -36.95 5.94
N VAL C 212 7.38 -36.34 5.87
CA VAL C 212 8.01 -35.73 7.05
C VAL C 212 7.09 -34.62 7.46
N LYS C 213 6.77 -33.75 6.49
CA LYS C 213 5.90 -32.69 6.69
C LYS C 213 4.61 -33.06 7.46
N GLN C 214 3.88 -34.06 6.93
CA GLN C 214 2.61 -34.45 7.53
C GLN C 214 2.80 -35.04 8.90
N THR C 215 3.82 -35.87 9.10
CA THR C 215 4.03 -36.47 10.43
C THR C 215 4.44 -35.45 11.47
N GLU C 216 5.38 -34.57 11.14
CA GLU C 216 5.76 -33.52 12.07
C GLU C 216 4.59 -32.56 12.31
N ASN C 217 3.81 -32.29 11.26
CA ASN C 217 2.78 -31.25 11.40
C ASN C 217 1.66 -31.76 12.31
N ARG C 218 1.36 -33.02 12.19
CA ARG C 218 0.27 -33.54 13.02
C ARG C 218 0.74 -33.52 14.49
N HIS C 219 1.96 -33.93 14.77
CA HIS C 219 2.47 -33.89 16.14
C HIS C 219 2.51 -32.45 16.70
N ARG C 220 2.79 -31.51 15.82
CA ARG C 220 2.93 -30.10 16.17
C ARG C 220 1.57 -29.47 16.46
N LEU C 221 0.59 -29.79 15.62
CA LEU C 221 -0.77 -29.39 15.87
C LEU C 221 -1.33 -29.88 17.16
N GLU C 222 -1.13 -31.18 17.45
CA GLU C 222 -1.46 -31.79 18.75
C GLU C 222 -0.89 -31.00 19.90
N GLY C 223 0.32 -30.52 19.75
CA GLY C 223 0.94 -29.62 20.74
C GLY C 223 0.21 -28.30 20.83
N TYR C 224 -0.05 -27.69 19.67
CA TYR C 224 -0.78 -26.42 19.59
C TYR C 224 -2.22 -26.51 20.17
N GLN C 225 -2.90 -27.61 19.95
CA GLN C 225 -4.27 -27.76 20.50
C GLN C 225 -4.22 -27.50 22.02
N LYS C 226 -3.33 -28.19 22.71
CA LYS C 226 -3.26 -28.16 24.17
C LYS C 226 -2.94 -26.79 24.65
N ARG C 227 -2.33 -25.98 23.79
CA ARG C 227 -2.03 -24.58 24.13
C ARG C 227 -3.06 -23.56 23.62
N LEU C 228 -4.17 -24.11 23.14
CA LEU C 228 -5.16 -23.30 22.47
C LEU C 228 -6.21 -22.74 23.45
N ASP C 229 -6.25 -21.42 23.58
CA ASP C 229 -7.38 -20.72 24.22
C ASP C 229 -8.44 -20.14 23.28
N ALA C 230 -9.53 -20.87 23.07
CA ALA C 230 -10.73 -20.36 22.36
C ALA C 230 -11.92 -20.12 23.35
N THR C 231 -11.63 -19.60 24.53
CA THR C 231 -12.73 -19.32 25.47
C THR C 231 -13.43 -18.00 25.18
N ALA C 232 -12.67 -16.99 24.75
CA ALA C 232 -13.22 -15.71 24.27
C ALA C 232 -13.79 -15.90 22.89
N LEU C 233 -14.54 -16.97 22.73
CA LEU C 233 -15.21 -17.30 21.45
C LEU C 233 -16.58 -18.00 21.62
N GLU C 234 -16.79 -18.70 22.74
CA GLU C 234 -18.03 -19.47 22.94
C GLU C 234 -19.29 -18.57 23.06
N ARG C 235 -19.11 -17.32 23.50
CA ARG C 235 -20.17 -16.30 23.38
C ARG C 235 -19.55 -14.94 23.06
N ALA C 236 -19.64 -14.61 21.77
CA ALA C 236 -18.75 -13.64 21.13
C ALA C 236 -19.42 -12.33 20.72
N SER C 237 -18.65 -11.52 19.98
CA SER C 237 -19.21 -10.42 19.23
C SER C 237 -19.66 -11.00 17.88
N ASN C 238 -18.66 -11.40 17.11
CA ASN C 238 -18.80 -11.72 15.68
C ASN C 238 -19.53 -13.05 15.44
N PRO C 239 -20.67 -13.00 14.75
CA PRO C 239 -21.38 -14.25 14.43
C PRO C 239 -20.51 -15.32 13.78
N LEU C 240 -19.71 -14.90 12.80
CA LEU C 240 -18.82 -15.82 12.05
C LEU C 240 -17.90 -16.63 12.96
N ALA C 241 -17.36 -15.95 13.96
CA ALA C 241 -16.29 -16.52 14.75
C ALA C 241 -16.81 -17.55 15.76
N ALA C 242 -18.13 -17.66 15.93
CA ALA C 242 -18.70 -18.43 17.04
C ALA C 242 -18.68 -19.95 16.79
N GLU C 243 -18.83 -20.38 15.55
CA GLU C 243 -18.73 -21.83 15.30
C GLU C 243 -17.37 -22.31 15.79
N PHE C 244 -16.40 -21.44 15.64
CA PHE C 244 -15.05 -21.81 15.99
C PHE C 244 -14.85 -21.65 17.46
N LYS C 245 -15.75 -22.19 18.24
CA LYS C 245 -15.62 -22.08 19.68
C LYS C 245 -14.93 -23.29 20.32
N SER C 246 -15.07 -24.45 19.68
CA SER C 246 -14.42 -25.67 20.14
C SER C 246 -13.65 -26.20 18.95
N LEU C 247 -12.74 -25.37 18.48
CA LEU C 247 -12.07 -25.57 17.24
C LEU C 247 -11.10 -26.62 17.54
N ASP C 248 -10.85 -27.48 16.58
CA ASP C 248 -9.96 -28.55 16.76
C ASP C 248 -8.96 -28.56 15.68
N LEU C 249 -7.74 -28.20 15.98
CA LEU C 249 -6.72 -28.19 14.96
C LEU C 249 -6.27 -29.59 14.57
N THR C 250 -6.51 -30.55 15.45
CA THR C 250 -6.18 -31.96 15.23
C THR C 250 -6.95 -32.62 14.08
N THR C 251 -8.02 -32.01 13.60
CA THR C 251 -8.81 -32.59 12.49
C THR C 251 -8.38 -32.09 11.13
N ARG C 252 -7.63 -31.03 11.12
CA ARG C 252 -7.33 -30.41 9.88
C ARG C 252 -5.89 -30.70 9.76
N LYS C 253 -5.38 -30.78 8.57
CA LYS C 253 -3.97 -30.73 8.50
C LYS C 253 -3.52 -29.27 8.24
N MET C 254 -2.23 -29.14 8.23
CA MET C 254 -1.62 -27.84 8.17
C MET C 254 -0.73 -27.80 6.96
N ILE C 255 -0.75 -26.67 6.25
CA ILE C 255 0.02 -26.45 5.04
C ILE C 255 1.23 -25.60 5.36
N HIS C 256 1.04 -24.52 6.10
CA HIS C 256 2.16 -23.61 6.39
C HIS C 256 1.83 -22.91 7.69
N GLU C 257 2.82 -22.25 8.29
CA GLU C 257 2.61 -21.59 9.54
C GLU C 257 3.74 -20.62 9.66
N GLY C 258 3.58 -19.56 10.41
CA GLY C 258 4.69 -18.63 10.53
C GLY C 258 4.25 -17.40 11.26
N PRO C 259 5.22 -16.62 11.72
CA PRO C 259 4.88 -15.41 12.45
C PRO C 259 4.43 -14.35 11.46
N LEU C 260 3.43 -13.55 11.80
CA LEU C 260 3.02 -12.46 10.94
C LEU C 260 2.51 -11.35 11.81
N THR C 261 2.88 -10.13 11.45
CA THR C 261 2.47 -8.94 12.18
C THR C 261 1.21 -8.40 11.52
N TRP C 262 0.23 -8.05 12.35
CA TRP C 262 -1.09 -7.64 11.85
C TRP C 262 -1.35 -6.13 11.99
N ARG C 263 -1.21 -5.41 10.89
CA ARG C 263 -1.62 -4.00 10.83
C ARG C 263 -3.15 -3.92 10.81
N ILE C 264 -3.70 -3.75 12.01
CA ILE C 264 -5.16 -3.73 12.24
C ILE C 264 -5.68 -2.35 11.86
N SER C 265 -5.06 -1.35 12.46
CA SER C 265 -5.33 0.06 12.21
C SER C 265 -3.98 0.74 12.10
N LYS C 266 -3.95 2.04 11.80
CA LYS C 266 -2.75 2.81 12.10
C LYS C 266 -2.61 2.90 13.61
N ASP C 267 -1.35 2.64 14.01
CA ASP C 267 -0.78 2.79 15.36
C ASP C 267 -1.23 1.73 16.38
N LYS C 268 -1.91 0.69 15.89
CA LYS C 268 -1.97 -0.60 16.58
C LYS C 268 -1.55 -1.74 15.64
N THR C 269 -0.57 -2.51 16.11
CA THR C 269 -0.02 -3.66 15.40
C THR C 269 -0.12 -4.89 16.32
N LEU C 270 -0.47 -6.05 15.76
CA LEU C 270 -0.53 -7.28 16.52
C LEU C 270 0.39 -8.32 15.95
N ASP C 271 1.28 -8.82 16.79
CA ASP C 271 2.18 -9.88 16.36
C ASP C 271 1.55 -11.24 16.61
N LEU C 272 1.32 -11.93 15.49
CA LEU C 272 0.64 -13.23 15.46
C LEU C 272 1.58 -14.36 15.13
N HIS C 273 1.06 -15.53 15.37
CA HIS C 273 1.54 -16.73 14.73
C HIS C 273 0.37 -17.33 14.02
N VAL C 274 0.45 -17.41 12.70
CA VAL C 274 -0.69 -17.89 11.91
C VAL C 274 -0.46 -19.25 11.25
N LEU C 275 -1.54 -20.00 11.13
CA LEU C 275 -1.56 -21.32 10.62
C LEU C 275 -2.40 -21.38 9.39
N LEU C 276 -1.77 -21.84 8.31
CA LEU C 276 -2.49 -22.13 7.11
C LEU C 276 -2.85 -23.59 7.15
N LEU C 277 -4.11 -23.86 7.49
CA LEU C 277 -4.69 -25.17 7.43
C LEU C 277 -5.39 -25.40 6.10
N GLU C 278 -6.21 -26.44 6.07
CA GLU C 278 -6.71 -27.01 4.84
C GLU C 278 -7.81 -26.12 4.39
N ASP C 279 -8.72 -25.95 5.31
CA ASP C 279 -9.96 -25.19 5.09
C ASP C 279 -9.94 -23.80 5.71
N LEU C 280 -8.90 -23.47 6.48
CA LEU C 280 -8.92 -22.33 7.39
C LEU C 280 -7.64 -21.60 7.49
N LEU C 281 -7.76 -20.30 7.76
CA LEU C 281 -6.62 -19.52 8.18
C LEU C 281 -6.93 -19.20 9.59
N VAL C 282 -5.98 -19.47 10.47
CA VAL C 282 -6.17 -19.24 11.86
C VAL C 282 -5.14 -18.24 12.37
N LEU C 283 -5.64 -17.20 13.02
CA LEU C 283 -4.83 -16.11 13.51
C LEU C 283 -4.77 -16.13 15.01
N LEU C 284 -3.57 -16.32 15.53
CA LEU C 284 -3.39 -16.66 16.95
C LEU C 284 -2.44 -15.72 17.57
N GLN C 285 -2.65 -15.41 18.82
CA GLN C 285 -1.75 -14.54 19.54
C GLN C 285 -0.96 -15.25 20.60
N LYS C 286 0.31 -14.96 20.63
CA LYS C 286 1.23 -15.73 21.45
C LYS C 286 1.00 -15.11 22.82
N GLN C 287 0.98 -15.93 23.88
CA GLN C 287 0.97 -15.38 25.24
C GLN C 287 2.29 -15.67 25.87
N ASP C 288 2.46 -16.86 26.43
CA ASP C 288 3.80 -17.29 26.67
C ASP C 288 3.93 -18.59 25.97
N GLU C 289 3.32 -19.59 26.53
CA GLU C 289 3.20 -20.81 25.84
C GLU C 289 1.71 -21.02 25.61
N LYS C 290 0.96 -19.92 25.55
CA LYS C 290 -0.46 -20.01 25.27
C LYS C 290 -0.76 -19.41 23.91
N LEU C 291 -1.76 -19.97 23.24
CA LEU C 291 -2.18 -19.51 21.91
C LEU C 291 -3.67 -19.24 21.93
N LEU C 292 -4.02 -17.98 21.79
CA LEU C 292 -5.41 -17.58 21.92
C LEU C 292 -6.07 -17.06 20.68
N LEU C 293 -7.25 -17.60 20.45
CA LEU C 293 -8.19 -17.13 19.50
C LEU C 293 -9.13 -16.19 20.20
N LYS C 294 -9.30 -15.00 19.65
CA LYS C 294 -10.26 -14.00 20.13
C LYS C 294 -10.47 -12.89 19.09
N CYS C 295 -11.72 -12.47 18.90
CA CYS C 295 -12.04 -11.42 17.90
C CYS C 295 -11.24 -10.14 18.21
N HIS C 296 -11.11 -9.19 17.31
CA HIS C 296 -10.16 -8.13 17.63
C HIS C 296 -10.66 -6.68 17.47
N SER C 297 -10.51 -5.91 18.54
CA SER C 297 -11.03 -4.57 18.56
C SER C 297 -10.60 -3.87 17.32
N LYS C 298 -11.57 -3.23 16.67
CA LYS C 298 -11.31 -2.47 15.46
C LYS C 298 -10.86 -1.06 15.82
N THR C 309 -16.04 -6.13 15.05
CA THR C 309 -14.74 -6.74 15.33
C THR C 309 -14.33 -7.78 14.29
N PHE C 310 -13.02 -7.83 14.01
CA PHE C 310 -12.43 -8.86 13.13
C PHE C 310 -12.47 -10.28 13.75
N SER C 311 -12.90 -11.28 12.97
CA SER C 311 -12.84 -12.70 13.39
C SER C 311 -11.39 -13.19 13.21
N PRO C 312 -10.91 -14.10 14.10
CA PRO C 312 -9.57 -14.64 14.01
C PRO C 312 -9.45 -15.94 13.20
N VAL C 313 -10.54 -16.36 12.58
CA VAL C 313 -10.55 -17.55 11.77
C VAL C 313 -11.27 -17.30 10.49
N LEU C 314 -10.62 -17.51 9.36
CA LEU C 314 -11.21 -17.28 8.03
C LEU C 314 -11.36 -18.56 7.22
N LYS C 315 -12.49 -18.75 6.57
CA LYS C 315 -12.66 -19.88 5.68
C LYS C 315 -12.04 -19.54 4.34
N LEU C 316 -11.15 -20.39 3.85
CA LEU C 316 -10.35 -20.05 2.65
C LEU C 316 -11.14 -19.99 1.32
N ASN C 317 -12.25 -20.69 1.27
CA ASN C 317 -13.15 -20.60 0.11
C ASN C 317 -13.87 -19.25 0.01
N ALA C 318 -13.79 -18.43 1.05
CA ALA C 318 -14.44 -17.11 1.08
C ALA C 318 -13.40 -16.03 1.25
N VAL C 319 -12.26 -16.13 0.58
CA VAL C 319 -11.26 -15.05 0.65
C VAL C 319 -10.61 -14.77 -0.67
N LEU C 320 -9.91 -13.63 -0.75
CA LEU C 320 -9.05 -13.30 -1.87
C LEU C 320 -7.75 -12.76 -1.31
N ILE C 321 -6.69 -12.89 -2.13
CA ILE C 321 -5.33 -12.51 -1.74
C ILE C 321 -4.89 -11.40 -2.65
N ARG C 322 -4.16 -10.44 -2.18
CA ARG C 322 -3.97 -9.32 -3.03
C ARG C 322 -2.73 -8.70 -2.54
N SER C 323 -1.93 -8.10 -3.41
CA SER C 323 -0.65 -7.62 -2.97
C SER C 323 -0.18 -6.23 -3.31
N VAL C 324 0.70 -5.78 -2.44
CA VAL C 324 1.33 -4.45 -2.47
C VAL C 324 2.81 -4.28 -2.94
N ALA C 325 2.98 -3.92 -4.21
CA ALA C 325 4.29 -3.58 -4.78
C ALA C 325 5.07 -2.54 -3.94
N THR C 326 4.35 -1.55 -3.39
CA THR C 326 4.94 -0.62 -2.38
C THR C 326 5.51 -1.27 -1.09
N ASP C 327 4.80 -2.25 -0.52
CA ASP C 327 5.18 -2.94 0.72
C ASP C 327 5.58 -4.40 0.48
N LYS C 328 6.88 -4.71 0.57
CA LYS C 328 7.48 -6.01 0.18
C LYS C 328 6.98 -7.18 1.00
N ARG C 329 7.30 -7.12 2.27
CA ARG C 329 6.71 -8.00 3.24
C ARG C 329 5.25 -7.63 3.53
N ALA C 330 4.30 -8.07 2.70
CA ALA C 330 2.88 -7.77 3.00
C ALA C 330 1.91 -8.39 2.00
N PHE C 331 0.76 -8.83 2.45
CA PHE C 331 -0.33 -9.17 1.54
C PHE C 331 -1.63 -8.85 2.18
N PHE C 332 -2.70 -9.09 1.45
CA PHE C 332 -3.98 -8.69 1.92
C PHE C 332 -4.95 -9.81 1.83
N ILE C 333 -5.63 -10.08 2.93
CA ILE C 333 -6.61 -11.11 2.84
C ILE C 333 -8.02 -10.54 3.01
N ILE C 334 -8.87 -10.82 2.04
CA ILE C 334 -10.20 -10.23 2.00
C ILE C 334 -11.24 -11.30 2.31
N CYS C 335 -11.88 -11.18 3.47
CA CYS C 335 -12.92 -12.11 3.92
C CYS C 335 -14.27 -11.65 3.38
N THR C 336 -14.79 -12.31 2.40
CA THR C 336 -16.08 -11.91 1.92
C THR C 336 -17.21 -12.53 2.69
N SER C 337 -17.70 -11.85 3.70
CA SER C 337 -18.81 -12.36 4.48
C SER C 337 -20.08 -12.51 3.64
N LYS C 338 -21.21 -12.54 4.33
CA LYS C 338 -22.50 -12.67 3.69
C LYS C 338 -23.49 -11.65 4.20
N LEU C 339 -23.19 -11.12 5.37
CA LEU C 339 -23.83 -9.89 5.76
C LEU C 339 -22.80 -8.79 5.65
N GLY C 340 -21.96 -8.70 6.68
CA GLY C 340 -21.04 -7.60 6.89
C GLY C 340 -20.36 -7.31 5.61
N PRO C 341 -19.99 -5.98 5.43
CA PRO C 341 -19.28 -5.77 4.18
C PRO C 341 -17.97 -6.50 4.24
N PRO C 342 -17.44 -6.86 3.12
CA PRO C 342 -16.21 -7.65 3.19
C PRO C 342 -15.21 -7.08 4.20
N GLN C 343 -14.14 -7.82 4.49
CA GLN C 343 -13.25 -7.44 5.57
C GLN C 343 -11.80 -7.57 5.14
N ILE C 344 -10.96 -6.68 5.64
CA ILE C 344 -9.57 -6.66 5.22
C ILE C 344 -8.59 -6.93 6.34
N TYR C 345 -7.66 -7.83 6.03
CA TYR C 345 -6.55 -8.16 6.92
C TYR C 345 -5.27 -7.84 6.20
N GLU C 346 -4.53 -6.95 6.78
CA GLU C 346 -3.26 -6.57 6.27
C GLU C 346 -2.30 -7.37 7.12
N LEU C 347 -1.44 -8.15 6.48
CA LEU C 347 -0.46 -8.94 7.22
C LEU C 347 0.96 -8.75 6.70
N VAL C 348 1.87 -8.58 7.64
CA VAL C 348 3.29 -8.35 7.35
C VAL C 348 4.12 -9.58 7.68
N ALA C 349 4.76 -10.10 6.63
CA ALA C 349 5.74 -11.14 6.73
C ALA C 349 6.96 -10.69 7.53
N LEU C 350 7.88 -11.60 7.74
CA LEU C 350 9.06 -11.26 8.46
C LEU C 350 9.96 -10.52 7.49
N THR C 351 9.94 -10.92 6.24
CA THR C 351 10.78 -10.24 5.31
C THR C 351 10.28 -10.48 3.92
N SER C 352 10.93 -9.87 2.95
CA SER C 352 10.46 -9.98 1.55
C SER C 352 10.22 -11.41 1.25
N SER C 353 11.23 -12.22 1.60
CA SER C 353 11.26 -13.72 1.58
C SER C 353 10.07 -14.64 1.80
N ASP C 354 9.42 -14.50 2.94
CA ASP C 354 8.33 -15.41 3.31
C ASP C 354 7.07 -14.89 2.67
N LYS C 355 6.87 -13.59 2.83
CA LYS C 355 5.79 -12.87 2.14
C LYS C 355 5.60 -13.44 0.78
N ASN C 356 6.58 -13.31 -0.10
CA ASN C 356 6.32 -13.92 -1.38
C ASN C 356 5.88 -15.34 -1.21
N THR C 357 6.22 -15.91 -0.09
CA THR C 357 6.10 -17.32 0.02
C THR C 357 4.81 -17.73 0.77
N TRP C 358 4.44 -16.95 1.78
CA TRP C 358 3.12 -17.00 2.34
C TRP C 358 2.11 -16.74 1.23
N MET C 359 2.46 -15.81 0.35
CA MET C 359 1.57 -15.50 -0.74
C MET C 359 1.37 -16.69 -1.62
N GLU C 360 2.51 -17.21 -2.06
CA GLU C 360 2.52 -18.31 -2.99
C GLU C 360 1.57 -19.38 -2.45
N LEU C 361 1.85 -19.84 -1.24
CA LEU C 361 1.08 -20.96 -0.68
C LEU C 361 -0.38 -20.63 -0.46
N LEU C 362 -0.62 -19.39 -0.05
CA LEU C 362 -1.99 -18.93 0.14
C LEU C 362 -2.78 -19.01 -1.17
N GLU C 363 -2.21 -18.45 -2.22
CA GLU C 363 -2.95 -18.46 -3.48
C GLU C 363 -3.30 -19.90 -3.86
N GLU C 364 -2.32 -20.81 -3.76
CA GLU C 364 -2.57 -22.24 -4.10
C GLU C 364 -3.62 -22.90 -3.21
N ALA C 365 -3.42 -22.78 -1.91
CA ALA C 365 -4.38 -23.33 -0.99
C ALA C 365 -5.79 -22.83 -1.25
N VAL C 366 -5.95 -21.50 -1.41
CA VAL C 366 -7.29 -20.91 -1.52
C VAL C 366 -8.00 -21.38 -2.77
N ARG C 367 -7.29 -21.25 -3.88
CA ARG C 367 -7.78 -21.72 -5.15
C ARG C 367 -8.19 -23.16 -4.99
N ASN C 368 -7.50 -23.84 -4.11
CA ASN C 368 -7.65 -25.26 -3.97
C ASN C 368 -8.72 -25.79 -3.06
N ALA C 369 -9.43 -24.90 -2.38
CA ALA C 369 -10.65 -25.29 -1.65
C ALA C 369 -11.79 -25.35 -2.67
N ALA D 3 37.46 -33.85 24.20
CA ALA D 3 37.65 -32.87 23.08
C ALA D 3 36.41 -32.07 22.99
N ILE D 4 36.49 -30.92 22.36
CA ILE D 4 35.28 -30.15 22.17
C ILE D 4 34.67 -30.52 20.80
N ARG D 5 33.43 -30.97 20.77
CA ARG D 5 32.70 -31.28 19.54
C ARG D 5 31.85 -30.11 19.11
N LYS D 6 31.97 -29.71 17.85
CA LYS D 6 31.10 -28.63 17.31
C LYS D 6 30.58 -29.07 15.98
N LYS D 7 29.30 -28.75 15.74
CA LYS D 7 28.65 -29.10 14.48
C LYS D 7 28.56 -27.86 13.57
N LEU D 8 29.11 -28.01 12.37
CA LEU D 8 29.06 -27.03 11.29
C LEU D 8 28.19 -27.58 10.16
N VAL D 9 27.28 -26.74 9.63
CA VAL D 9 26.45 -27.06 8.53
C VAL D 9 26.54 -26.00 7.46
N ILE D 10 26.79 -26.41 6.25
CA ILE D 10 27.03 -25.44 5.15
C ILE D 10 25.79 -25.34 4.28
N VAL D 11 25.34 -24.14 4.01
CA VAL D 11 24.07 -23.94 3.26
C VAL D 11 24.29 -22.96 2.13
N GLY D 12 23.37 -22.98 1.16
CA GLY D 12 23.36 -22.07 0.03
C GLY D 12 22.88 -22.77 -1.23
N ASP D 13 22.76 -22.02 -2.34
CA ASP D 13 22.18 -22.55 -3.55
C ASP D 13 23.00 -23.65 -4.12
N GLY D 14 22.32 -24.54 -4.82
CA GLY D 14 22.96 -25.66 -5.53
C GLY D 14 24.11 -25.18 -6.42
N ALA D 15 25.07 -26.03 -6.68
CA ALA D 15 26.09 -25.65 -7.66
C ALA D 15 26.91 -24.39 -7.29
N CYS D 16 26.70 -23.82 -6.12
CA CYS D 16 27.53 -22.74 -5.67
C CYS D 16 28.75 -23.30 -4.88
N GLY D 17 29.18 -24.53 -5.14
CA GLY D 17 30.45 -25.04 -4.67
C GLY D 17 30.53 -25.48 -3.20
N LYS D 18 29.39 -25.77 -2.56
CA LYS D 18 29.41 -26.19 -1.14
C LYS D 18 30.24 -27.44 -1.00
N THR D 19 29.94 -28.40 -1.84
CA THR D 19 30.50 -29.73 -1.63
C THR D 19 32.02 -29.66 -1.82
N CYS D 20 32.41 -28.97 -2.85
CA CYS D 20 33.81 -28.88 -3.28
C CYS D 20 34.59 -28.26 -2.14
N LEU D 21 34.07 -27.18 -1.59
CA LEU D 21 34.70 -26.53 -0.46
C LEU D 21 34.88 -27.45 0.72
N LEU D 22 33.93 -28.29 1.01
CA LEU D 22 34.11 -29.17 2.18
C LEU D 22 35.20 -30.20 1.86
N ILE D 23 35.26 -30.59 0.61
CA ILE D 23 36.21 -31.59 0.18
C ILE D 23 37.64 -31.05 0.30
N VAL D 24 37.94 -29.87 -0.25
CA VAL D 24 39.32 -29.36 -0.17
C VAL D 24 39.79 -29.15 1.26
N PHE D 25 38.91 -28.72 2.11
CA PHE D 25 39.25 -28.50 3.45
C PHE D 25 39.63 -29.79 4.09
N SER D 26 38.78 -30.77 3.94
CA SER D 26 38.94 -32.08 4.57
C SER D 26 40.19 -32.85 4.08
N LYS D 27 40.39 -32.81 2.76
CA LYS D 27 41.50 -33.48 2.11
C LYS D 27 42.78 -32.63 2.12
N ASP D 28 42.62 -31.32 2.28
CA ASP D 28 43.68 -30.34 1.99
C ASP D 28 44.29 -30.53 0.62
N GLN D 29 43.45 -30.90 -0.31
CA GLN D 29 43.81 -30.80 -1.67
C GLN D 29 42.59 -30.69 -2.50
N PHE D 30 42.72 -29.94 -3.56
CA PHE D 30 41.71 -29.84 -4.56
C PHE D 30 41.81 -31.09 -5.48
N PRO D 31 40.69 -31.74 -5.82
CA PRO D 31 40.76 -32.96 -6.61
C PRO D 31 40.88 -32.59 -8.09
N GLU D 32 42.05 -32.87 -8.65
CA GLU D 32 42.41 -32.40 -9.98
C GLU D 32 41.66 -33.28 -11.00
N VAL D 33 41.81 -34.60 -10.83
CA VAL D 33 41.37 -35.54 -11.83
C VAL D 33 39.84 -35.79 -11.93
N TYR D 34 39.17 -35.83 -10.78
CA TYR D 34 37.75 -36.07 -10.68
C TYR D 34 37.20 -35.31 -9.47
N VAL D 35 36.24 -34.41 -9.67
CA VAL D 35 35.62 -33.70 -8.54
C VAL D 35 34.32 -34.42 -8.12
N PRO D 36 34.25 -34.92 -6.87
CA PRO D 36 33.13 -35.77 -6.45
C PRO D 36 31.82 -35.06 -6.15
N THR D 37 30.71 -35.77 -6.35
CA THR D 37 29.41 -35.27 -6.01
C THR D 37 29.10 -35.37 -4.52
N VAL D 38 29.65 -36.37 -3.87
CA VAL D 38 29.23 -36.74 -2.55
C VAL D 38 30.24 -36.47 -1.44
N PHE D 39 29.78 -35.80 -0.38
CA PHE D 39 30.52 -35.62 0.82
C PHE D 39 29.75 -36.14 2.01
N GLU D 40 30.28 -37.19 2.64
CA GLU D 40 29.61 -37.79 3.74
C GLU D 40 29.97 -37.03 5.01
N ASN D 41 29.03 -37.04 5.94
CA ASN D 41 29.21 -36.45 7.24
C ASN D 41 30.57 -36.90 7.77
N TYR D 42 31.39 -35.97 8.25
CA TYR D 42 32.72 -36.30 8.59
C TYR D 42 33.29 -35.37 9.67
N VAL D 43 34.03 -35.97 10.59
CA VAL D 43 34.59 -35.22 11.69
C VAL D 43 35.99 -34.88 11.42
N ALA D 44 36.25 -33.60 11.30
CA ALA D 44 37.60 -33.03 11.06
C ALA D 44 38.22 -32.41 12.32
N ASP D 45 39.53 -32.54 12.45
CA ASP D 45 40.29 -32.00 13.61
C ASP D 45 40.91 -30.67 13.21
N ILE D 46 40.71 -29.68 14.04
CA ILE D 46 41.22 -28.39 13.78
C ILE D 46 41.66 -27.72 15.07
N GLU D 47 42.64 -26.82 15.00
CA GLU D 47 43.05 -26.05 16.16
C GLU D 47 42.86 -24.54 15.88
N VAL D 48 42.23 -23.80 16.79
CA VAL D 48 42.18 -22.34 16.62
C VAL D 48 42.31 -21.64 17.94
N ASP D 49 42.85 -20.42 17.91
CA ASP D 49 43.05 -19.65 19.13
C ASP D 49 43.67 -20.60 20.21
N GLY D 50 44.58 -21.48 19.76
CA GLY D 50 45.18 -22.55 20.58
C GLY D 50 44.31 -23.65 21.20
N LYS D 51 43.02 -23.77 20.82
CA LYS D 51 42.12 -24.89 21.32
C LYS D 51 41.88 -26.01 20.32
N GLN D 52 41.90 -27.26 20.78
CA GLN D 52 41.60 -28.43 19.92
C GLN D 52 40.08 -28.80 19.72
N VAL D 53 39.66 -28.92 18.45
CA VAL D 53 38.23 -29.07 18.11
C VAL D 53 37.93 -30.20 17.12
N GLU D 54 36.91 -30.97 17.46
CA GLU D 54 36.27 -31.91 16.52
C GLU D 54 35.09 -31.19 15.86
N LEU D 55 35.26 -30.93 14.59
CA LEU D 55 34.34 -30.13 13.85
C LEU D 55 33.66 -31.12 12.97
N ALA D 56 32.41 -31.34 13.26
CA ALA D 56 31.58 -32.24 12.46
C ALA D 56 31.03 -31.44 11.26
N LEU D 57 31.29 -31.97 10.05
CA LEU D 57 30.93 -31.27 8.78
C LEU D 57 29.77 -31.88 8.11
N TRP D 58 28.68 -31.10 7.99
CA TRP D 58 27.48 -31.53 7.29
C TRP D 58 27.21 -30.78 5.97
N ASP D 59 27.24 -31.50 4.84
CA ASP D 59 26.86 -30.93 3.48
C ASP D 59 25.32 -30.92 3.39
N THR D 60 24.77 -29.95 2.64
CA THR D 60 23.37 -29.99 2.33
C THR D 60 23.08 -30.07 0.84
N ALA D 61 24.10 -30.22 0.06
CA ALA D 61 23.91 -30.26 -1.41
C ALA D 61 22.84 -31.31 -1.76
N GLY D 62 21.82 -30.88 -2.50
CA GLY D 62 20.78 -31.80 -2.92
C GLY D 62 19.50 -31.62 -2.16
N GLN D 63 19.60 -30.90 -1.04
CA GLN D 63 18.46 -30.57 -0.18
C GLN D 63 17.76 -29.26 -0.52
N GLU D 64 18.25 -28.56 -1.53
CA GLU D 64 17.81 -27.17 -1.77
C GLU D 64 16.33 -27.10 -2.14
N ASP D 65 15.86 -28.14 -2.85
CA ASP D 65 14.49 -28.15 -3.35
C ASP D 65 13.47 -28.71 -2.34
N TYR D 66 13.94 -29.22 -1.18
CA TYR D 66 13.09 -30.02 -0.34
C TYR D 66 12.95 -29.40 1.00
N ASP D 67 11.95 -28.51 1.14
CA ASP D 67 11.89 -27.55 2.27
C ASP D 67 11.68 -28.20 3.61
N ARG D 68 11.27 -29.48 3.66
CA ARG D 68 11.04 -30.12 4.93
C ARG D 68 11.99 -31.31 5.23
N LEU D 69 12.85 -31.64 4.26
CA LEU D 69 14.03 -32.37 4.48
C LEU D 69 15.24 -31.51 5.01
N ARG D 70 15.51 -30.33 4.47
CA ARG D 70 16.68 -29.55 4.86
C ARG D 70 16.77 -29.30 6.33
N PRO D 71 15.68 -28.87 6.93
CA PRO D 71 15.69 -28.62 8.38
C PRO D 71 16.11 -29.80 9.27
N LEU D 72 16.02 -31.01 8.77
CA LEU D 72 16.54 -32.16 9.52
C LEU D 72 18.04 -32.05 9.79
N SER D 73 18.74 -31.29 9.00
CA SER D 73 20.13 -31.00 9.21
C SER D 73 20.43 -30.00 10.32
N TYR D 74 19.52 -29.13 10.68
CA TYR D 74 19.75 -27.96 11.55
C TYR D 74 19.94 -28.23 13.04
N PRO D 75 19.22 -29.18 13.62
CA PRO D 75 19.29 -29.25 15.14
C PRO D 75 20.70 -29.43 15.67
N ASP D 76 20.99 -28.81 16.82
CA ASP D 76 22.33 -28.78 17.44
C ASP D 76 23.47 -28.14 16.63
N THR D 77 23.17 -27.45 15.58
CA THR D 77 24.17 -26.78 14.87
C THR D 77 24.85 -25.68 15.72
N ASP D 78 26.20 -25.63 15.62
CA ASP D 78 26.97 -24.61 16.33
C ASP D 78 27.48 -23.48 15.49
N VAL D 79 27.68 -23.70 14.18
CA VAL D 79 28.01 -22.60 13.25
C VAL D 79 27.47 -22.89 11.83
N ILE D 80 26.93 -21.88 11.17
CA ILE D 80 26.55 -21.99 9.76
C ILE D 80 27.50 -21.34 8.77
N LEU D 81 27.93 -22.12 7.78
CA LEU D 81 28.66 -21.57 6.65
C LEU D 81 27.64 -21.32 5.58
N MET D 82 27.26 -20.09 5.40
CA MET D 82 26.29 -19.70 4.35
C MET D 82 27.00 -19.24 3.10
N CYS D 83 26.87 -19.97 2.00
CA CYS D 83 27.60 -19.70 0.76
C CYS D 83 26.81 -19.13 -0.37
N PHE D 84 27.50 -18.37 -1.18
CA PHE D 84 27.01 -17.87 -2.47
C PHE D 84 28.24 -18.02 -3.40
N SER D 85 28.06 -17.98 -4.70
CA SER D 85 29.20 -18.08 -5.60
C SER D 85 29.46 -16.75 -6.30
N ILE D 86 30.71 -16.29 -6.23
CA ILE D 86 31.11 -15.01 -6.76
C ILE D 86 30.70 -14.85 -8.22
N ASP D 87 30.83 -15.93 -9.00
CA ASP D 87 30.35 -15.98 -10.39
C ASP D 87 28.82 -16.05 -10.56
N SER D 88 28.07 -15.91 -9.47
CA SER D 88 26.61 -15.89 -9.55
C SER D 88 26.03 -14.89 -8.59
N PRO D 89 25.79 -13.66 -9.05
CA PRO D 89 25.05 -12.67 -8.22
C PRO D 89 23.58 -13.04 -7.90
N ASP D 90 23.02 -14.01 -8.65
CA ASP D 90 21.72 -14.62 -8.25
C ASP D 90 21.88 -15.27 -6.89
N SER D 91 22.92 -16.06 -6.74
CA SER D 91 23.14 -16.81 -5.51
C SER D 91 23.30 -15.87 -4.31
N LEU D 92 23.92 -14.71 -4.52
CA LEU D 92 24.02 -13.69 -3.44
C LEU D 92 22.67 -13.11 -3.12
N GLU D 93 21.84 -12.91 -4.11
CA GLU D 93 20.56 -12.30 -3.75
C GLU D 93 19.75 -13.31 -2.92
N ASN D 94 19.96 -14.59 -3.15
CA ASN D 94 19.33 -15.58 -2.28
C ASN D 94 19.78 -15.65 -0.81
N ILE D 95 20.91 -15.03 -0.47
CA ILE D 95 21.36 -15.03 0.90
C ILE D 95 20.28 -14.39 1.80
N PRO D 96 19.86 -13.14 1.52
CA PRO D 96 18.81 -12.49 2.34
C PRO D 96 17.41 -13.03 2.02
N GLU D 97 17.25 -13.50 0.80
CA GLU D 97 15.96 -13.91 0.27
C GLU D 97 15.51 -15.28 0.77
N LYS D 98 16.38 -16.30 0.67
CA LYS D 98 16.07 -17.64 1.17
C LYS D 98 16.82 -18.04 2.45
N TRP D 99 18.15 -17.95 2.41
CA TRP D 99 18.98 -18.66 3.39
C TRP D 99 18.98 -18.06 4.77
N THR D 100 19.01 -16.73 4.88
CA THR D 100 19.09 -16.08 6.19
C THR D 100 17.82 -16.22 7.04
N PRO D 101 16.68 -15.82 6.49
CA PRO D 101 15.47 -16.12 7.31
C PRO D 101 15.35 -17.63 7.74
N GLU D 102 15.67 -18.58 6.88
CA GLU D 102 15.62 -20.00 7.28
C GLU D 102 16.62 -20.32 8.41
N VAL D 103 17.87 -19.89 8.26
CA VAL D 103 18.86 -20.17 9.33
C VAL D 103 18.55 -19.45 10.62
N LYS D 104 18.07 -18.24 10.53
CA LYS D 104 17.65 -17.53 11.76
C LYS D 104 16.46 -18.22 12.43
N HIS D 105 15.57 -18.79 11.63
CA HIS D 105 14.37 -19.48 12.20
C HIS D 105 14.75 -20.81 12.80
N PHE D 106 15.53 -21.60 12.07
CA PHE D 106 15.87 -22.93 12.61
C PHE D 106 17.10 -22.94 13.47
N CYS D 107 18.01 -22.00 13.29
CA CYS D 107 19.21 -22.00 14.15
C CYS D 107 19.37 -20.64 14.88
N PRO D 108 18.41 -20.28 15.71
CA PRO D 108 18.48 -18.94 16.29
C PRO D 108 19.72 -18.75 17.21
N ASN D 109 20.29 -17.54 17.21
CA ASN D 109 21.55 -17.23 17.94
C ASN D 109 22.76 -18.08 17.51
N VAL D 110 22.76 -18.59 16.27
CA VAL D 110 23.86 -19.40 15.81
C VAL D 110 24.64 -18.56 14.90
N PRO D 111 25.94 -18.40 15.18
CA PRO D 111 26.69 -17.55 14.28
C PRO D 111 26.68 -18.10 12.87
N ILE D 112 26.72 -17.15 11.94
CA ILE D 112 26.78 -17.37 10.56
C ILE D 112 28.08 -16.75 10.02
N ILE D 113 28.76 -17.49 9.18
CA ILE D 113 29.76 -16.90 8.39
C ILE D 113 29.37 -16.95 6.93
N LEU D 114 29.38 -15.80 6.30
CA LEU D 114 29.05 -15.68 4.91
C LEU D 114 30.30 -15.98 4.08
N VAL D 115 30.17 -16.88 3.11
CA VAL D 115 31.30 -17.31 2.33
C VAL D 115 31.04 -17.07 0.85
N GLY D 116 31.98 -16.39 0.18
CA GLY D 116 31.93 -16.14 -1.28
C GLY D 116 32.84 -17.15 -1.93
N ASN D 117 32.24 -18.17 -2.50
CA ASN D 117 33.00 -19.22 -3.10
C ASN D 117 33.45 -18.82 -4.50
N LYS D 118 34.42 -19.54 -5.04
CA LYS D 118 34.87 -19.39 -6.42
C LYS D 118 35.46 -17.99 -6.77
N LYS D 119 36.27 -17.49 -5.86
CA LYS D 119 37.06 -16.27 -6.03
C LYS D 119 37.83 -16.23 -7.35
N ASP D 120 38.42 -17.37 -7.66
CA ASP D 120 39.24 -17.53 -8.84
C ASP D 120 38.54 -17.14 -10.14
N LEU D 121 37.26 -16.83 -10.05
CA LEU D 121 36.42 -16.60 -11.23
C LEU D 121 36.02 -15.15 -11.35
N ARG D 122 36.33 -14.35 -10.34
CA ARG D 122 35.98 -12.95 -10.46
C ARG D 122 36.62 -12.39 -11.75
N ASN D 123 37.78 -12.90 -12.11
CA ASN D 123 38.49 -12.41 -13.29
C ASN D 123 38.68 -13.39 -14.40
N ASP D 124 38.16 -14.60 -14.27
CA ASP D 124 38.07 -15.49 -15.41
C ASP D 124 37.33 -14.73 -16.51
N GLU D 125 37.85 -14.85 -17.74
CA GLU D 125 37.30 -14.06 -18.83
C GLU D 125 36.05 -14.73 -19.34
N HIS D 126 36.12 -16.05 -19.46
CA HIS D 126 34.95 -16.85 -19.87
C HIS D 126 33.71 -16.56 -18.99
N THR D 127 33.95 -16.35 -17.69
CA THR D 127 32.91 -15.97 -16.73
C THR D 127 32.34 -14.59 -17.02
N ARG D 128 33.24 -13.64 -17.18
CA ARG D 128 32.92 -12.23 -17.29
C ARG D 128 31.87 -12.00 -18.39
N ARG D 129 31.99 -12.73 -19.50
CA ARG D 129 31.12 -12.54 -20.66
C ARG D 129 29.74 -13.18 -20.53
N GLU D 130 29.73 -14.41 -20.04
CA GLU D 130 28.49 -15.14 -19.81
C GLU D 130 27.55 -14.37 -18.88
N LEU D 131 28.12 -13.70 -17.88
CA LEU D 131 27.38 -12.81 -16.97
C LEU D 131 26.96 -11.50 -17.64
N ALA D 132 27.88 -10.94 -18.42
CA ALA D 132 27.60 -9.75 -19.24
C ALA D 132 26.44 -10.03 -20.20
N LYS D 133 26.29 -11.29 -20.63
CA LYS D 133 25.11 -11.73 -21.40
C LYS D 133 23.80 -11.51 -20.66
N MET D 134 23.74 -11.75 -19.35
CA MET D 134 22.52 -11.43 -18.59
C MET D 134 22.51 -10.02 -17.94
N LYS D 135 23.34 -9.12 -18.45
CA LYS D 135 23.55 -7.78 -17.91
C LYS D 135 24.03 -7.85 -16.46
N GLN D 136 24.94 -8.79 -16.22
CA GLN D 136 25.50 -9.04 -14.87
C GLN D 136 27.03 -9.12 -14.88
N GLU D 137 27.62 -8.99 -13.69
CA GLU D 137 29.06 -9.20 -13.52
C GLU D 137 29.40 -9.81 -12.15
N PRO D 138 30.56 -10.44 -12.06
CA PRO D 138 30.94 -11.06 -10.81
C PRO D 138 30.71 -10.21 -9.59
N VAL D 139 30.45 -10.90 -8.49
CA VAL D 139 30.21 -10.25 -7.22
C VAL D 139 31.54 -9.64 -6.80
N LYS D 140 31.46 -8.46 -6.23
CA LYS D 140 32.62 -7.70 -5.79
C LYS D 140 32.70 -7.79 -4.29
N PRO D 141 33.90 -7.76 -3.73
CA PRO D 141 34.13 -7.90 -2.28
C PRO D 141 33.29 -6.98 -1.38
N GLU D 142 32.97 -5.80 -1.89
CA GLU D 142 32.30 -4.78 -1.08
C GLU D 142 30.84 -5.21 -0.89
N GLU D 143 30.33 -5.84 -1.96
CA GLU D 143 28.94 -6.38 -2.01
C GLU D 143 28.84 -7.53 -1.01
N GLY D 144 29.82 -8.41 -1.03
CA GLY D 144 29.91 -9.50 -0.04
C GLY D 144 29.95 -9.04 1.40
N ARG D 145 30.77 -8.04 1.67
CA ARG D 145 30.86 -7.53 3.01
C ARG D 145 29.60 -6.77 3.42
N ASP D 146 28.98 -6.04 2.48
CA ASP D 146 27.76 -5.29 2.83
C ASP D 146 26.68 -6.26 3.22
N MET D 147 26.62 -7.35 2.47
CA MET D 147 25.65 -8.37 2.73
C MET D 147 25.91 -8.98 4.09
N ALA D 148 27.19 -9.24 4.39
CA ALA D 148 27.48 -9.78 5.71
C ALA D 148 26.96 -8.90 6.82
N ASN D 149 27.12 -7.59 6.65
CA ASN D 149 26.69 -6.65 7.70
C ASN D 149 25.18 -6.58 7.76
N ARG D 150 24.55 -6.59 6.59
CA ARG D 150 23.11 -6.65 6.52
C ARG D 150 22.50 -7.86 7.22
N ILE D 151 23.06 -9.04 7.00
CA ILE D 151 22.47 -10.23 7.65
C ILE D 151 22.98 -10.51 9.02
N GLY D 152 23.91 -9.68 9.52
CA GLY D 152 24.42 -9.89 10.90
C GLY D 152 25.42 -11.06 11.02
N ALA D 153 26.12 -11.37 9.94
CA ALA D 153 27.17 -12.39 9.95
C ALA D 153 28.32 -12.14 10.92
N PHE D 154 28.85 -13.23 11.47
CA PHE D 154 30.00 -13.15 12.31
C PHE D 154 31.21 -12.68 11.49
N GLY D 155 31.24 -12.98 10.20
CA GLY D 155 32.39 -12.57 9.41
C GLY D 155 32.11 -12.87 7.99
N TYR D 156 32.88 -12.27 7.10
CA TYR D 156 32.79 -12.51 5.70
C TYR D 156 34.11 -13.07 5.23
N MET D 157 34.07 -14.19 4.50
CA MET D 157 35.23 -14.77 3.86
C MET D 157 35.01 -15.05 2.39
N GLU D 158 36.10 -15.10 1.63
CA GLU D 158 36.09 -15.48 0.25
C GLU D 158 37.13 -16.53 0.09
N CYS D 159 36.91 -17.41 -0.88
CA CYS D 159 37.87 -18.48 -1.13
C CYS D 159 37.69 -19.05 -2.49
N SER D 160 38.65 -19.87 -2.85
CA SER D 160 38.62 -20.56 -4.10
C SER D 160 39.00 -21.98 -3.82
N ALA D 161 38.12 -22.92 -4.09
CA ALA D 161 38.45 -24.26 -3.86
C ALA D 161 39.54 -24.71 -4.85
N LYS D 162 39.50 -24.22 -6.07
CA LYS D 162 40.44 -24.64 -7.08
C LYS D 162 41.89 -24.36 -6.62
N THR D 163 42.11 -23.16 -6.14
CA THR D 163 43.43 -22.78 -5.69
C THR D 163 43.59 -23.04 -4.20
N LYS D 164 42.49 -23.20 -3.45
CA LYS D 164 42.61 -23.47 -1.99
C LYS D 164 42.79 -22.19 -1.14
N ASP D 165 43.04 -21.11 -1.84
CA ASP D 165 43.12 -19.81 -1.25
C ASP D 165 41.94 -19.54 -0.31
N GLY D 166 42.23 -19.34 0.98
CA GLY D 166 41.16 -18.94 1.95
C GLY D 166 40.29 -20.06 2.52
N VAL D 167 40.56 -21.29 2.11
CA VAL D 167 39.78 -22.41 2.54
C VAL D 167 40.00 -22.67 4.02
N ARG D 168 41.24 -22.84 4.38
CA ARG D 168 41.51 -23.02 5.77
C ARG D 168 40.92 -21.93 6.61
N GLU D 169 40.95 -20.73 6.13
CA GLU D 169 40.60 -19.57 6.98
C GLU D 169 39.07 -19.49 7.19
N VAL D 170 38.35 -19.94 6.18
CA VAL D 170 36.90 -20.09 6.29
C VAL D 170 36.60 -20.96 7.50
N PHE D 171 37.23 -22.14 7.53
CA PHE D 171 36.98 -23.09 8.59
C PHE D 171 37.47 -22.63 10.00
N GLU D 172 38.61 -21.98 10.03
CA GLU D 172 39.14 -21.38 11.27
C GLU D 172 38.19 -20.35 11.83
N MET D 173 37.70 -19.45 10.96
CA MET D 173 36.71 -18.47 11.37
C MET D 173 35.46 -19.18 11.92
N ALA D 174 35.03 -20.17 11.15
CA ALA D 174 33.82 -20.87 11.52
C ALA D 174 34.02 -21.53 12.89
N THR D 175 35.22 -22.07 13.13
CA THR D 175 35.47 -22.69 14.44
C THR D 175 35.61 -21.66 15.60
N ARG D 176 36.16 -20.50 15.34
CA ARG D 176 36.19 -19.39 16.27
C ARG D 176 34.77 -18.95 16.58
N ALA D 177 33.94 -18.83 15.58
CA ALA D 177 32.51 -18.45 15.79
C ALA D 177 31.85 -19.51 16.71
N ALA D 178 32.13 -20.78 16.48
CA ALA D 178 31.44 -21.79 17.24
C ALA D 178 31.78 -21.72 18.71
N LEU D 179 32.99 -21.26 19.05
CA LEU D 179 33.46 -21.18 20.45
C LEU D 179 32.93 -20.00 21.26
N GLN D 180 32.66 -18.88 20.60
CA GLN D 180 32.07 -17.76 21.25
C GLN D 180 30.91 -18.03 22.23
C1 GOL E . -43.27 39.11 -2.79
O1 GOL E . -44.47 39.14 -2.06
C2 GOL E . -43.46 38.02 -3.86
O2 GOL E . -44.36 38.56 -4.82
C3 GOL E . -42.14 37.56 -4.45
O3 GOL E . -41.40 38.62 -5.11
C1 GOL F . -11.49 20.59 -7.39
O1 GOL F . -11.07 19.49 -8.27
C2 GOL F . -10.95 20.32 -6.05
O2 GOL F . -10.67 18.92 -5.80
C3 GOL F . -9.56 20.94 -5.88
O3 GOL F . -9.45 20.96 -4.39
C1 GOL G . -17.84 38.40 9.52
O1 GOL G . -17.24 39.48 8.86
C2 GOL G . -17.13 37.17 8.94
O2 GOL G . -17.34 36.17 9.90
C3 GOL G . -17.61 36.61 7.59
O3 GOL G . -16.77 35.48 7.22
C1 GOL H . 17.31 -53.84 -8.20
O1 GOL H . 18.41 -54.74 -8.23
C2 GOL H . 16.49 -54.13 -6.95
O2 GOL H . 16.49 -55.54 -6.83
C3 GOL H . 17.19 -53.69 -5.71
O3 GOL H . 17.77 -52.40 -5.86
#